data_1OXV
#
_entry.id   1OXV
#
_cell.length_a   47.094
_cell.length_b   148.776
_cell.length_c   176.710
_cell.angle_alpha   90.00
_cell.angle_beta   90.00
_cell.angle_gamma   90.00
#
_symmetry.space_group_name_H-M   'P 21 21 21'
#
loop_
_entity.id
_entity.type
_entity.pdbx_description
1 polymer 'ABC transporter, ATP binding protein'
2 non-polymer 'MAGNESIUM ION'
3 non-polymer 'IODIDE ION'
4 non-polymer 'PHOSPHOAMINOPHOSPHONIC ACID-ADENYLATE ESTER'
5 water water
#
_entity_poly.entity_id   1
_entity_poly.type   'polypeptide(L)'
_entity_poly.pdbx_seq_one_letter_code
;MVRIIVKNVSKVFKKGKVVALDNVNINIENGERFGILGPSGAGKTTFMRIIAGLDVPSTGELYFDDRLVASNGKLIVPPE
DRKIGMVFQTWALYPNLTAFENIAFPLTNMKMSKEEIRKRVEEVAKILDIHHVLNHFPRELSGGQQQRVALARALVKDPS
LLLLDEPFSNLDARMRDSARALVKEVQSRLGVTLLVVSHDPADIFAIADRVGVLVKGKLVQVGKPEDLYDNPVSIQVASL
IGEINELEGKVTNEGVVIGSLRFPVSVSSDRAIIGIRPEDVKLSKDVIKDDSWILVGKGKVKVIGYQGGLFRITITPLDS
EEEIFTYSDHPIHSGEEVLVYVRKDKIKVFEKN
;
_entity_poly.pdbx_strand_id   A,B,D
#
loop_
_chem_comp.id
_chem_comp.type
_chem_comp.name
_chem_comp.formula
ANP non-polymer 'PHOSPHOAMINOPHOSPHONIC ACID-ADENYLATE ESTER' 'C10 H17 N6 O12 P3'
IOD non-polymer 'IODIDE ION' 'I -1'
MG non-polymer 'MAGNESIUM ION' 'Mg 2'
#
# COMPACT_ATOMS: atom_id res chain seq x y z
N MET A 1 -5.13 6.82 18.88
CA MET A 1 -5.05 7.02 20.32
C MET A 1 -3.68 6.62 20.87
N VAL A 2 -2.86 5.97 20.05
CA VAL A 2 -1.55 5.57 20.51
C VAL A 2 -0.47 5.82 19.46
N ARG A 3 0.66 6.32 19.95
CA ARG A 3 1.82 6.61 19.13
C ARG A 3 2.71 5.37 19.10
N ILE A 4 3.20 4.99 17.92
CA ILE A 4 4.03 3.80 17.81
C ILE A 4 5.42 4.19 17.37
N ILE A 5 6.41 3.94 18.24
CA ILE A 5 7.78 4.25 17.92
C ILE A 5 8.60 2.97 17.67
N VAL A 6 9.05 2.83 16.44
CA VAL A 6 9.82 1.68 15.98
C VAL A 6 11.27 2.16 15.86
N LYS A 7 12.12 1.67 16.74
CA LYS A 7 13.50 2.14 16.80
C LYS A 7 14.50 1.05 16.42
N ASN A 8 15.10 1.20 15.25
CA ASN A 8 16.13 0.29 14.74
C ASN A 8 15.73 -1.17 14.82
N VAL A 9 14.51 -1.48 14.39
CA VAL A 9 14.02 -2.84 14.45
C VAL A 9 14.46 -3.71 13.28
N SER A 10 15.05 -4.83 13.64
CA SER A 10 15.48 -5.85 12.70
C SER A 10 14.86 -7.17 13.14
N LYS A 11 14.63 -8.06 12.19
CA LYS A 11 14.10 -9.40 12.45
C LYS A 11 14.72 -10.39 11.51
N VAL A 12 15.27 -11.47 12.06
CA VAL A 12 15.89 -12.49 11.26
C VAL A 12 15.19 -13.83 11.44
N PHE A 13 15.26 -14.64 10.40
CA PHE A 13 14.75 -16.00 10.41
C PHE A 13 15.88 -16.91 9.90
N LYS A 14 15.66 -18.20 9.93
CA LYS A 14 16.65 -19.17 9.46
C LYS A 14 18.00 -18.97 10.13
N LYS A 15 17.95 -18.80 11.45
CA LYS A 15 19.15 -18.65 12.24
C LYS A 15 20.06 -17.53 11.77
N GLY A 16 19.47 -16.50 11.16
CA GLY A 16 20.22 -15.35 10.71
C GLY A 16 20.39 -15.24 9.20
N LYS A 17 20.15 -16.33 8.49
CA LYS A 17 20.33 -16.31 7.04
C LYS A 17 19.40 -15.36 6.31
N VAL A 18 18.20 -15.17 6.84
CA VAL A 18 17.19 -14.34 6.20
C VAL A 18 16.89 -13.12 7.06
N VAL A 19 17.13 -11.93 6.52
CA VAL A 19 16.86 -10.70 7.25
C VAL A 19 15.55 -10.15 6.74
N ALA A 20 14.50 -10.42 7.49
CA ALA A 20 13.13 -10.06 7.09
C ALA A 20 12.88 -8.56 7.23
N LEU A 21 13.52 -7.97 8.24
CA LEU A 21 13.43 -6.53 8.47
C LEU A 21 14.82 -6.07 8.86
N ASP A 22 15.27 -4.95 8.30
CA ASP A 22 16.62 -4.47 8.53
C ASP A 22 16.62 -3.01 8.98
N ASN A 23 16.88 -2.81 10.26
CA ASN A 23 17.00 -1.48 10.87
C ASN A 23 15.91 -0.51 10.50
N VAL A 24 14.68 -0.91 10.77
CA VAL A 24 13.51 -0.13 10.46
C VAL A 24 13.27 0.97 11.50
N ASN A 25 13.11 2.20 11.02
CA ASN A 25 12.84 3.34 11.88
C ASN A 25 11.61 4.09 11.43
N ILE A 26 10.65 4.20 12.32
CA ILE A 26 9.46 4.94 12.02
C ILE A 26 8.69 5.32 13.25
N ASN A 27 8.10 6.50 13.22
CA ASN A 27 7.25 6.99 14.29
C ASN A 27 5.83 7.25 13.76
N ILE A 28 4.90 6.37 14.10
CA ILE A 28 3.51 6.51 13.67
C ILE A 28 2.74 7.31 14.72
N GLU A 29 2.10 8.37 14.29
CA GLU A 29 1.43 9.26 15.21
C GLU A 29 0.12 8.72 15.76
N ASN A 30 -0.25 9.16 16.97
CA ASN A 30 -1.50 8.72 17.56
C ASN A 30 -2.69 9.15 16.70
N GLY A 31 -3.55 8.20 16.37
CA GLY A 31 -4.74 8.48 15.57
C GLY A 31 -4.48 8.58 14.08
N GLU A 32 -3.24 8.33 13.67
CA GLU A 32 -2.89 8.41 12.25
C GLU A 32 -3.33 7.18 11.46
N ARG A 33 -3.63 7.41 10.19
CA ARG A 33 -3.91 6.32 9.26
C ARG A 33 -2.60 6.12 8.51
N PHE A 34 -1.89 5.05 8.82
CA PHE A 34 -0.58 4.80 8.23
C PHE A 34 -0.55 3.53 7.40
N GLY A 35 -0.05 3.66 6.17
CA GLY A 35 0.00 2.52 5.28
C GLY A 35 1.41 2.01 5.03
N ILE A 36 1.54 0.71 4.81
CA ILE A 36 2.79 0.10 4.39
C ILE A 36 2.58 -0.59 3.05
N LEU A 37 3.41 -0.24 2.08
CA LEU A 37 3.36 -0.79 0.75
C LEU A 37 4.69 -1.47 0.42
N GLY A 38 4.64 -2.60 -0.26
CA GLY A 38 5.85 -3.30 -0.62
C GLY A 38 5.51 -4.59 -1.30
N PRO A 39 6.44 -5.08 -2.10
CA PRO A 39 6.26 -6.33 -2.86
C PRO A 39 6.12 -7.54 -1.95
N SER A 40 5.63 -8.63 -2.51
CA SER A 40 5.54 -9.87 -1.76
C SER A 40 6.93 -10.18 -1.20
N GLY A 41 6.99 -10.55 0.08
CA GLY A 41 8.25 -10.92 0.70
C GLY A 41 9.05 -9.77 1.29
N ALA A 42 8.55 -8.55 1.16
CA ALA A 42 9.27 -7.37 1.67
C ALA A 42 9.39 -7.30 3.19
N GLY A 43 8.50 -7.97 3.90
CA GLY A 43 8.51 -7.97 5.35
C GLY A 43 7.29 -7.31 6.01
N LYS A 44 6.22 -7.11 5.23
CA LYS A 44 5.01 -6.44 5.74
C LYS A 44 4.34 -7.16 6.90
N THR A 45 4.07 -8.45 6.72
CA THR A 45 3.44 -9.24 7.77
C THR A 45 4.36 -9.38 8.98
N THR A 46 5.65 -9.52 8.75
CA THR A 46 6.58 -9.62 9.85
C THR A 46 6.49 -8.34 10.69
N PHE A 47 6.47 -7.22 10.01
CA PHE A 47 6.35 -5.94 10.67
C PHE A 47 5.08 -5.86 11.51
N MET A 48 3.96 -6.21 10.90
CA MET A 48 2.64 -6.19 11.54
C MET A 48 2.61 -7.07 12.79
N ARG A 49 3.21 -8.25 12.70
CA ARG A 49 3.24 -9.19 13.80
C ARG A 49 4.07 -8.67 14.97
N ILE A 50 5.13 -7.93 14.66
CA ILE A 50 5.95 -7.33 15.71
C ILE A 50 5.13 -6.21 16.38
N ILE A 51 4.40 -5.43 15.61
CA ILE A 51 3.58 -4.39 16.21
C ILE A 51 2.51 -5.04 17.10
N ALA A 52 1.93 -6.15 16.63
CA ALA A 52 0.84 -6.81 17.37
C ALA A 52 1.35 -7.46 18.64
N GLY A 53 2.63 -7.81 18.64
CA GLY A 53 3.24 -8.47 19.77
C GLY A 53 3.24 -9.99 19.61
N LEU A 54 2.87 -10.45 18.43
CA LEU A 54 2.90 -11.87 18.08
C LEU A 54 4.33 -12.36 17.79
N ASP A 55 5.22 -11.40 17.59
CA ASP A 55 6.63 -11.70 17.41
C ASP A 55 7.37 -10.52 18.02
N VAL A 56 8.68 -10.62 18.12
CA VAL A 56 9.47 -9.57 18.70
C VAL A 56 10.63 -9.23 17.79
N PRO A 57 11.16 -8.03 17.92
CA PRO A 57 12.34 -7.66 17.15
C PRO A 57 13.53 -8.52 17.60
N SER A 58 14.38 -8.90 16.66
CA SER A 58 15.62 -9.61 16.96
C SER A 58 16.57 -8.60 17.59
N THR A 59 16.62 -7.41 17.01
CA THR A 59 17.35 -6.29 17.59
C THR A 59 16.46 -5.07 17.46
N GLY A 60 16.70 -4.09 18.32
CA GLY A 60 15.93 -2.85 18.29
C GLY A 60 14.81 -2.85 19.32
N GLU A 61 14.09 -1.74 19.38
CA GLU A 61 13.04 -1.55 20.37
C GLU A 61 11.75 -0.99 19.75
N LEU A 62 10.65 -1.28 20.44
CA LEU A 62 9.33 -0.84 20.06
C LEU A 62 8.66 -0.21 21.25
N TYR A 63 8.13 0.99 21.07
CA TYR A 63 7.40 1.70 22.11
C TYR A 63 5.98 2.03 21.68
N PHE A 64 5.03 1.88 22.61
CA PHE A 64 3.68 2.41 22.42
C PHE A 64 3.62 3.64 23.35
N ASP A 65 3.40 4.82 22.78
CA ASP A 65 3.55 6.06 23.59
C ASP A 65 4.94 6.00 24.26
N ASP A 66 5.03 6.22 25.56
CA ASP A 66 6.33 6.15 26.24
C ASP A 66 6.59 4.75 26.82
N ARG A 67 5.73 3.80 26.48
CA ARG A 67 5.82 2.45 27.03
C ARG A 67 6.63 1.46 26.18
N LEU A 68 7.72 0.97 26.75
CA LEU A 68 8.53 -0.03 26.07
C LEU A 68 7.72 -1.35 26.00
N VAL A 69 7.50 -1.88 24.81
CA VAL A 69 6.71 -3.10 24.66
C VAL A 69 7.53 -4.30 24.19
N ALA A 70 8.67 -4.04 23.55
CA ALA A 70 9.57 -5.11 23.11
C ALA A 70 10.96 -4.56 22.89
N SER A 71 11.97 -5.40 23.11
CA SER A 71 13.34 -4.96 23.03
C SER A 71 14.30 -6.14 22.82
N ASN A 72 15.01 -6.10 21.71
CA ASN A 72 16.09 -7.04 21.44
C ASN A 72 15.82 -8.46 21.85
N GLY A 73 14.78 -9.05 21.26
CA GLY A 73 14.43 -10.43 21.49
C GLY A 73 13.53 -10.69 22.67
N LYS A 74 13.20 -9.65 23.42
CA LYS A 74 12.38 -9.83 24.59
C LYS A 74 11.04 -9.11 24.46
N LEU A 75 9.98 -9.82 24.83
CA LEU A 75 8.64 -9.27 24.84
C LEU A 75 8.46 -8.63 26.23
N ILE A 76 8.26 -7.31 26.28
CA ILE A 76 8.12 -6.58 27.54
C ILE A 76 6.65 -6.42 27.91
N VAL A 77 5.81 -6.13 26.92
CA VAL A 77 4.38 -6.07 27.11
C VAL A 77 3.75 -7.03 26.09
N PRO A 78 3.11 -8.08 26.59
CA PRO A 78 2.53 -9.12 25.72
C PRO A 78 1.35 -8.60 24.91
N PRO A 79 1.04 -9.29 23.83
CA PRO A 79 -0.02 -8.86 22.93
C PRO A 79 -1.34 -8.61 23.68
N GLU A 80 -1.68 -9.49 24.64
CA GLU A 80 -2.92 -9.34 25.38
C GLU A 80 -3.01 -8.05 26.22
N ASP A 81 -1.89 -7.38 26.50
CA ASP A 81 -1.90 -6.15 27.28
C ASP A 81 -1.64 -4.89 26.42
N ARG A 82 -1.67 -5.02 25.09
CA ARG A 82 -1.32 -3.89 24.16
C ARG A 82 -2.49 -3.02 23.60
N LYS A 83 -3.73 -3.42 23.81
CA LYS A 83 -4.92 -2.69 23.33
C LYS A 83 -4.90 -2.61 21.79
N ILE A 84 -4.81 -3.77 21.18
CA ILE A 84 -4.76 -3.88 19.73
C ILE A 84 -5.86 -4.79 19.18
N GLY A 85 -6.39 -4.43 18.03
CA GLY A 85 -7.31 -5.26 17.27
C GLY A 85 -6.66 -5.59 15.94
N MET A 86 -6.86 -6.80 15.45
CA MET A 86 -6.26 -7.18 14.19
C MET A 86 -7.20 -7.95 13.29
N VAL A 87 -7.04 -7.70 11.99
CA VAL A 87 -7.70 -8.46 10.93
C VAL A 87 -6.55 -8.89 10.04
N PHE A 88 -6.15 -10.15 10.14
CA PHE A 88 -4.96 -10.61 9.42
C PHE A 88 -5.21 -11.13 8.01
N GLN A 89 -4.13 -11.23 7.24
CA GLN A 89 -4.23 -11.59 5.83
C GLN A 89 -5.09 -12.83 5.64
N THR A 90 -4.98 -13.81 6.54
CA THR A 90 -5.76 -15.03 6.43
C THR A 90 -6.77 -15.12 7.56
N TRP A 91 -7.45 -14.02 7.82
CA TRP A 91 -8.46 -13.99 8.84
C TRP A 91 -9.54 -14.99 8.47
N ALA A 92 -10.17 -15.57 9.47
CA ALA A 92 -11.27 -16.47 9.23
C ALA A 92 -12.26 -16.32 10.34
N LEU A 93 -13.55 -16.30 9.99
CA LEU A 93 -14.60 -16.31 10.98
C LEU A 93 -14.79 -17.77 11.32
N TYR A 94 -15.17 -18.07 12.56
CA TYR A 94 -15.47 -19.45 12.92
C TYR A 94 -16.81 -19.79 12.27
N PRO A 95 -16.80 -20.78 11.38
CA PRO A 95 -17.98 -21.10 10.57
C PRO A 95 -19.14 -21.64 11.36
N ASN A 96 -18.85 -22.29 12.49
CA ASN A 96 -19.88 -22.92 13.30
C ASN A 96 -20.42 -22.01 14.40
N LEU A 97 -19.86 -20.81 14.54
CA LEU A 97 -20.33 -19.85 15.53
C LEU A 97 -21.12 -18.74 14.84
N THR A 98 -22.18 -18.28 15.48
CA THR A 98 -22.95 -17.16 14.95
C THR A 98 -22.06 -15.92 14.95
N ALA A 99 -22.60 -14.83 14.39
CA ALA A 99 -21.90 -13.55 14.36
C ALA A 99 -21.66 -13.07 15.79
N PHE A 100 -22.70 -13.14 16.62
CA PHE A 100 -22.58 -12.79 18.04
C PHE A 100 -21.42 -13.54 18.71
N GLU A 101 -21.43 -14.86 18.59
CA GLU A 101 -20.43 -15.70 19.21
C GLU A 101 -19.04 -15.44 18.67
N ASN A 102 -18.93 -15.13 17.39
CA ASN A 102 -17.65 -14.77 16.81
C ASN A 102 -17.10 -13.46 17.42
N ILE A 103 -17.97 -12.48 17.58
CA ILE A 103 -17.56 -11.20 18.15
C ILE A 103 -17.30 -11.30 19.64
N ALA A 104 -18.05 -12.16 20.34
CA ALA A 104 -17.91 -12.31 21.77
C ALA A 104 -16.66 -13.10 22.17
N PHE A 105 -16.16 -13.92 21.24
CA PHE A 105 -15.06 -14.85 21.53
C PHE A 105 -13.90 -14.22 22.30
N PRO A 106 -13.36 -13.12 21.79
CA PRO A 106 -12.23 -12.46 22.46
C PRO A 106 -12.54 -12.04 23.88
N LEU A 107 -13.81 -11.97 24.26
CA LEU A 107 -14.19 -11.53 25.61
C LEU A 107 -14.26 -12.68 26.64
N THR A 108 -14.24 -13.92 26.17
CA THR A 108 -14.44 -15.10 27.04
C THR A 108 -13.67 -15.11 28.37
N ASN A 109 -12.44 -14.60 28.38
CA ASN A 109 -11.64 -14.58 29.59
C ASN A 109 -11.25 -13.18 30.02
N MET A 110 -12.16 -12.24 29.84
CA MET A 110 -11.92 -10.85 30.20
C MET A 110 -12.62 -10.45 31.49
N LYS A 111 -13.08 -11.43 32.26
CA LYS A 111 -13.71 -11.16 33.56
C LYS A 111 -14.95 -10.28 33.47
N MET A 112 -15.75 -10.52 32.45
CA MET A 112 -17.00 -9.79 32.30
C MET A 112 -18.16 -10.76 32.35
N SER A 113 -19.26 -10.29 32.93
CA SER A 113 -20.47 -11.08 33.09
C SER A 113 -21.18 -11.27 31.76
N LYS A 114 -22.18 -12.15 31.75
CA LYS A 114 -22.92 -12.40 30.52
C LYS A 114 -23.54 -11.10 30.00
N GLU A 115 -24.08 -10.29 30.91
CA GLU A 115 -24.70 -9.02 30.54
C GLU A 115 -23.69 -8.03 29.99
N GLU A 116 -22.52 -7.98 30.62
CA GLU A 116 -21.48 -7.06 30.16
C GLU A 116 -21.01 -7.46 28.75
N ILE A 117 -20.92 -8.76 28.49
CA ILE A 117 -20.51 -9.25 27.19
C ILE A 117 -21.57 -8.89 26.13
N ARG A 118 -22.83 -9.16 26.43
CA ARG A 118 -23.89 -8.84 25.47
C ARG A 118 -23.91 -7.35 25.15
N LYS A 119 -23.80 -6.51 26.17
CA LYS A 119 -23.82 -5.06 25.96
C LYS A 119 -22.66 -4.60 25.06
N ARG A 120 -21.47 -5.13 25.28
CA ARG A 120 -20.31 -4.77 24.47
C ARG A 120 -20.44 -5.24 23.01
N VAL A 121 -20.87 -6.48 22.80
CA VAL A 121 -21.03 -7.00 21.47
C VAL A 121 -22.09 -6.20 20.69
N GLU A 122 -23.23 -5.96 21.30
CA GLU A 122 -24.29 -5.22 20.63
C GLU A 122 -23.84 -3.80 20.28
N GLU A 123 -23.08 -3.18 21.17
CA GLU A 123 -22.56 -1.84 20.93
C GLU A 123 -21.67 -1.81 19.69
N VAL A 124 -20.69 -2.70 19.61
CA VAL A 124 -19.83 -2.65 18.45
C VAL A 124 -20.57 -3.17 17.22
N ALA A 125 -21.54 -4.04 17.40
CA ALA A 125 -22.35 -4.51 16.28
C ALA A 125 -23.14 -3.34 15.66
N LYS A 126 -23.66 -2.46 16.52
CA LYS A 126 -24.40 -1.28 16.05
C LYS A 126 -23.48 -0.35 15.26
N ILE A 127 -22.29 -0.13 15.78
CA ILE A 127 -21.31 0.70 15.07
C ILE A 127 -21.01 0.13 13.68
N LEU A 128 -20.85 -1.18 13.57
CA LEU A 128 -20.62 -1.83 12.28
C LEU A 128 -21.90 -2.18 11.48
N ASP A 129 -23.06 -1.74 11.97
CA ASP A 129 -24.35 -1.98 11.30
C ASP A 129 -24.60 -3.47 10.98
N ILE A 130 -24.33 -4.37 11.93
CA ILE A 130 -24.64 -5.79 11.77
C ILE A 130 -25.36 -6.29 13.01
N HIS A 131 -25.94 -5.37 13.76
CA HIS A 131 -26.67 -5.75 14.96
C HIS A 131 -27.85 -6.64 14.57
N HIS A 132 -28.40 -6.41 13.39
CA HIS A 132 -29.58 -7.16 12.95
C HIS A 132 -29.29 -8.57 12.42
N VAL A 133 -28.02 -8.93 12.30
CA VAL A 133 -27.69 -10.27 11.84
C VAL A 133 -26.80 -11.02 12.82
N LEU A 134 -26.89 -10.64 14.10
CA LEU A 134 -26.06 -11.22 15.13
C LEU A 134 -26.32 -12.71 15.31
N ASN A 135 -27.52 -13.16 14.97
CA ASN A 135 -27.87 -14.56 15.12
C ASN A 135 -27.56 -15.42 13.89
N HIS A 136 -26.99 -14.81 12.86
CA HIS A 136 -26.62 -15.51 11.61
C HIS A 136 -25.26 -16.19 11.70
N PHE A 137 -25.10 -17.31 10.99
CA PHE A 137 -23.78 -17.91 10.87
C PHE A 137 -23.09 -17.26 9.67
N PRO A 138 -21.76 -17.26 9.66
CA PRO A 138 -20.99 -16.59 8.60
C PRO A 138 -21.42 -16.96 7.18
N ARG A 139 -21.81 -18.21 6.96
CA ARG A 139 -22.22 -18.63 5.63
C ARG A 139 -23.53 -17.97 5.20
N GLU A 140 -24.29 -17.44 6.16
CA GLU A 140 -25.57 -16.79 5.88
C GLU A 140 -25.40 -15.29 5.67
N LEU A 141 -24.15 -14.81 5.71
CA LEU A 141 -23.90 -13.39 5.58
C LEU A 141 -23.32 -13.07 4.22
N SER A 142 -23.49 -11.82 3.79
CA SER A 142 -22.86 -11.34 2.57
C SER A 142 -21.38 -11.15 2.85
N GLY A 143 -20.60 -10.95 1.80
CA GLY A 143 -19.18 -10.70 1.95
C GLY A 143 -18.96 -9.46 2.77
N GLY A 144 -19.74 -8.43 2.48
CA GLY A 144 -19.63 -7.18 3.21
C GLY A 144 -19.95 -7.37 4.68
N GLN A 145 -20.94 -8.20 4.95
CA GLN A 145 -21.33 -8.47 6.32
C GLN A 145 -20.24 -9.25 7.03
N GLN A 146 -19.60 -10.16 6.31
CA GLN A 146 -18.55 -10.95 6.91
C GLN A 146 -17.40 -10.04 7.33
N GLN A 147 -17.03 -9.11 6.46
CA GLN A 147 -15.95 -8.17 6.77
C GLN A 147 -16.33 -7.35 7.99
N ARG A 148 -17.60 -6.98 8.08
CA ARG A 148 -18.05 -6.21 9.22
C ARG A 148 -17.96 -6.99 10.52
N VAL A 149 -18.34 -8.27 10.50
CA VAL A 149 -18.21 -9.11 11.67
C VAL A 149 -16.75 -9.26 12.08
N ALA A 150 -15.85 -9.42 11.10
CA ALA A 150 -14.43 -9.52 11.43
C ALA A 150 -13.94 -8.24 12.10
N LEU A 151 -14.41 -7.09 11.62
CA LEU A 151 -13.99 -5.80 12.18
C LEU A 151 -14.51 -5.65 13.59
N ALA A 152 -15.80 -5.96 13.78
CA ALA A 152 -16.41 -5.90 15.10
C ALA A 152 -15.65 -6.77 16.09
N ARG A 153 -15.27 -7.97 15.65
CA ARG A 153 -14.47 -8.84 16.48
C ARG A 153 -13.14 -8.19 16.90
N ALA A 154 -12.50 -7.48 16.00
CA ALA A 154 -11.23 -6.85 16.29
C ALA A 154 -11.43 -5.60 17.18
N LEU A 155 -12.63 -5.05 17.21
CA LEU A 155 -12.85 -3.84 17.96
C LEU A 155 -13.56 -4.04 19.30
N VAL A 156 -13.90 -5.28 19.61
CA VAL A 156 -14.72 -5.60 20.79
C VAL A 156 -14.05 -5.32 22.14
N LYS A 157 -12.72 -5.36 22.21
CA LYS A 157 -12.02 -5.03 23.46
C LYS A 157 -11.63 -3.53 23.53
N ASP A 158 -12.23 -2.70 22.68
CA ASP A 158 -11.93 -1.27 22.72
C ASP A 158 -10.45 -0.94 22.58
N PRO A 159 -9.86 -1.34 21.46
CA PRO A 159 -8.41 -1.14 21.28
C PRO A 159 -8.06 0.31 20.93
N SER A 160 -6.79 0.67 21.09
CA SER A 160 -6.27 1.97 20.68
C SER A 160 -5.69 1.93 19.26
N LEU A 161 -5.43 0.71 18.79
CA LEU A 161 -4.73 0.45 17.53
C LEU A 161 -5.42 -0.66 16.76
N LEU A 162 -5.62 -0.44 15.47
CA LEU A 162 -6.22 -1.43 14.59
C LEU A 162 -5.21 -1.78 13.48
N LEU A 163 -4.92 -3.06 13.33
CA LEU A 163 -3.96 -3.55 12.34
C LEU A 163 -4.68 -4.35 11.25
N LEU A 164 -4.52 -3.93 10.01
CA LEU A 164 -5.12 -4.60 8.88
C LEU A 164 -4.06 -5.09 7.91
N ASP A 165 -3.92 -6.40 7.82
CA ASP A 165 -2.94 -6.99 6.91
C ASP A 165 -3.63 -7.48 5.64
N GLU A 166 -3.50 -6.70 4.58
CA GLU A 166 -4.09 -7.02 3.29
C GLU A 166 -5.54 -7.43 3.42
N PRO A 167 -6.37 -6.49 3.84
CA PRO A 167 -7.79 -6.70 4.14
C PRO A 167 -8.68 -6.80 2.91
N PHE A 168 -8.37 -6.03 1.87
CA PHE A 168 -9.24 -5.95 0.69
C PHE A 168 -8.79 -6.87 -0.45
N SER A 169 -8.03 -7.90 -0.12
CA SER A 169 -7.53 -8.84 -1.12
C SER A 169 -8.57 -9.85 -1.53
N ASN A 170 -9.42 -10.24 -0.59
CA ASN A 170 -10.47 -11.20 -0.87
C ASN A 170 -11.73 -10.52 -1.38
N LEU A 171 -11.56 -9.37 -2.02
CA LEU A 171 -12.68 -8.63 -2.56
C LEU A 171 -12.59 -8.53 -4.08
N ASP A 172 -13.75 -8.40 -4.72
CA ASP A 172 -13.82 -8.29 -6.17
C ASP A 172 -13.39 -6.93 -6.71
N ALA A 173 -14.21 -5.91 -6.48
CA ALA A 173 -13.91 -4.56 -6.95
C ALA A 173 -14.94 -3.54 -6.46
N ARG A 174 -16.22 -3.86 -6.61
CA ARG A 174 -17.28 -2.98 -6.13
C ARG A 174 -17.22 -3.03 -4.61
N MET A 175 -16.96 -4.23 -4.10
CA MET A 175 -16.86 -4.42 -2.67
C MET A 175 -15.63 -3.68 -2.11
N ARG A 176 -14.52 -3.63 -2.85
CA ARG A 176 -13.30 -2.96 -2.36
C ARG A 176 -13.52 -1.48 -2.03
N ASP A 177 -14.20 -0.76 -2.91
CA ASP A 177 -14.52 0.64 -2.67
C ASP A 177 -15.30 0.77 -1.36
N SER A 178 -16.29 -0.10 -1.19
CA SER A 178 -17.13 -0.09 -0.01
C SER A 178 -16.32 -0.45 1.23
N ALA A 179 -15.46 -1.45 1.12
CA ALA A 179 -14.67 -1.89 2.25
C ALA A 179 -13.68 -0.81 2.68
N ARG A 180 -13.11 -0.09 1.73
CA ARG A 180 -12.18 0.98 2.05
C ARG A 180 -12.89 2.08 2.79
N ALA A 181 -14.08 2.42 2.33
CA ALA A 181 -14.86 3.48 2.96
C ALA A 181 -15.22 3.09 4.39
N LEU A 182 -15.59 1.84 4.60
CA LEU A 182 -15.93 1.37 5.93
C LEU A 182 -14.77 1.49 6.91
N VAL A 183 -13.57 1.12 6.47
CA VAL A 183 -12.39 1.21 7.34
C VAL A 183 -12.18 2.65 7.79
N LYS A 184 -12.33 3.59 6.87
CA LYS A 184 -12.16 5.00 7.18
C LYS A 184 -13.26 5.49 8.13
N GLU A 185 -14.50 5.12 7.86
CA GLU A 185 -15.61 5.53 8.75
C GLU A 185 -15.39 4.96 10.17
N VAL A 186 -14.99 3.70 10.29
CA VAL A 186 -14.85 3.23 11.66
C VAL A 186 -13.57 3.76 12.32
N GLN A 187 -12.49 4.04 11.61
CA GLN A 187 -11.34 4.67 12.23
C GLN A 187 -11.75 6.05 12.79
N SER A 188 -12.61 6.76 12.08
CA SER A 188 -13.09 8.06 12.54
C SER A 188 -13.98 7.93 13.76
N ARG A 189 -14.90 6.96 13.72
CA ARG A 189 -15.82 6.75 14.83
C ARG A 189 -15.14 6.40 16.15
N LEU A 190 -13.97 5.76 16.08
CA LEU A 190 -13.33 5.31 17.30
C LEU A 190 -12.02 6.04 17.64
N GLY A 191 -11.41 6.64 16.64
CA GLY A 191 -10.20 7.41 16.81
C GLY A 191 -8.93 6.57 16.93
N VAL A 192 -8.99 5.32 16.50
CA VAL A 192 -7.83 4.45 16.64
C VAL A 192 -6.73 4.80 15.70
N THR A 193 -5.52 4.50 16.13
CA THR A 193 -4.38 4.52 15.25
C THR A 193 -4.61 3.36 14.31
N LEU A 194 -4.33 3.56 13.03
CA LEU A 194 -4.61 2.52 12.02
C LEU A 194 -3.37 2.22 11.16
N LEU A 195 -3.02 0.95 11.12
CA LEU A 195 -1.93 0.51 10.28
C LEU A 195 -2.50 -0.46 9.24
N VAL A 196 -2.36 -0.14 7.96
CA VAL A 196 -2.77 -1.11 6.97
C VAL A 196 -1.63 -1.44 6.01
N VAL A 197 -1.54 -2.73 5.72
CA VAL A 197 -0.50 -3.23 4.85
C VAL A 197 -1.10 -3.74 3.57
N SER A 198 -0.35 -3.58 2.49
CA SER A 198 -0.79 -4.06 1.20
C SER A 198 0.31 -4.01 0.17
N HIS A 199 0.14 -4.84 -0.86
CA HIS A 199 1.00 -4.78 -2.04
C HIS A 199 0.19 -4.05 -3.10
N ASP A 200 -0.91 -3.43 -2.70
CA ASP A 200 -1.78 -2.70 -3.63
C ASP A 200 -1.90 -1.21 -3.31
N PRO A 201 -1.40 -0.36 -4.21
CA PRO A 201 -1.38 1.10 -4.02
C PRO A 201 -2.75 1.79 -3.90
N ALA A 202 -3.78 1.23 -4.52
CA ALA A 202 -5.10 1.83 -4.45
C ALA A 202 -5.61 1.95 -3.01
N ASP A 203 -5.30 0.98 -2.18
CA ASP A 203 -5.72 1.05 -0.78
C ASP A 203 -5.04 2.22 -0.07
N ILE A 204 -3.82 2.56 -0.50
CA ILE A 204 -3.02 3.57 0.17
C ILE A 204 -3.50 4.98 -0.09
N PHE A 205 -3.85 5.28 -1.33
CA PHE A 205 -4.33 6.62 -1.62
C PHE A 205 -5.70 6.76 -0.99
N ALA A 206 -6.39 5.65 -0.90
CA ALA A 206 -7.75 5.68 -0.37
C ALA A 206 -7.75 5.92 1.13
N ILE A 207 -6.90 5.20 1.85
CA ILE A 207 -6.95 5.21 3.31
C ILE A 207 -5.86 5.96 4.05
N ALA A 208 -4.62 5.80 3.61
CA ALA A 208 -3.48 6.35 4.35
C ALA A 208 -3.23 7.85 4.24
N ASP A 209 -2.82 8.46 5.35
CA ASP A 209 -2.42 9.87 5.36
C ASP A 209 -0.89 9.94 5.19
N ARG A 210 -0.20 8.89 5.59
CA ARG A 210 1.25 8.73 5.35
C ARG A 210 1.50 7.28 5.01
N VAL A 211 2.54 7.04 4.23
CA VAL A 211 2.85 5.68 3.79
C VAL A 211 4.32 5.43 3.84
N GLY A 212 4.65 4.18 4.16
CA GLY A 212 6.03 3.72 4.17
C GLY A 212 6.18 2.59 3.17
N VAL A 213 7.25 2.63 2.39
CA VAL A 213 7.51 1.61 1.40
C VAL A 213 8.64 0.69 1.85
N LEU A 214 8.33 -0.59 1.88
CA LEU A 214 9.23 -1.60 2.37
C LEU A 214 9.69 -2.44 1.19
N VAL A 215 11.00 -2.56 1.03
CA VAL A 215 11.61 -3.31 -0.03
C VAL A 215 12.73 -4.16 0.56
N LYS A 216 12.57 -5.47 0.46
CA LYS A 216 13.56 -6.43 0.95
C LYS A 216 13.96 -6.13 2.41
N GLY A 217 12.96 -5.91 3.25
CA GLY A 217 13.17 -5.67 4.66
C GLY A 217 13.56 -4.25 5.03
N LYS A 218 13.81 -3.41 4.03
CA LYS A 218 14.22 -2.05 4.31
C LYS A 218 13.09 -1.06 4.07
N LEU A 219 12.95 -0.11 4.98
CA LEU A 219 11.97 0.96 4.82
C LEU A 219 12.64 2.06 4.00
N VAL A 220 12.43 2.06 2.69
CA VAL A 220 13.17 2.94 1.78
C VAL A 220 12.67 4.38 1.67
N GLN A 221 11.41 4.63 1.98
CA GLN A 221 10.86 5.97 1.91
C GLN A 221 9.58 6.04 2.72
N VAL A 222 9.39 7.18 3.38
CA VAL A 222 8.19 7.45 4.14
C VAL A 222 7.72 8.86 3.75
N GLY A 223 6.42 9.04 3.57
CA GLY A 223 5.88 10.34 3.25
C GLY A 223 4.40 10.27 2.96
N LYS A 224 3.82 11.40 2.62
CA LYS A 224 2.44 11.43 2.20
C LYS A 224 2.41 10.73 0.85
N PRO A 225 1.32 10.04 0.53
CA PRO A 225 1.20 9.34 -0.75
C PRO A 225 1.60 10.21 -1.93
N GLU A 226 1.14 11.45 -1.96
CA GLU A 226 1.46 12.33 -3.09
C GLU A 226 2.96 12.64 -3.16
N ASP A 227 3.63 12.62 -2.00
CA ASP A 227 5.06 12.85 -1.96
C ASP A 227 5.82 11.68 -2.57
N LEU A 228 5.39 10.46 -2.28
CA LEU A 228 5.99 9.27 -2.86
C LEU A 228 5.68 9.23 -4.36
N TYR A 229 4.48 9.64 -4.71
CA TYR A 229 4.06 9.59 -6.11
C TYR A 229 4.91 10.52 -6.97
N ASP A 230 5.06 11.75 -6.51
CA ASP A 230 5.78 12.77 -7.28
C ASP A 230 7.30 12.80 -7.05
N ASN A 231 7.73 12.42 -5.85
CA ASN A 231 9.14 12.47 -5.52
C ASN A 231 9.71 11.13 -5.03
N PRO A 232 9.52 10.07 -5.79
CA PRO A 232 10.00 8.75 -5.40
C PRO A 232 11.52 8.71 -5.32
N VAL A 233 12.07 8.02 -4.33
CA VAL A 233 13.52 7.97 -4.14
C VAL A 233 14.20 7.03 -5.14
N SER A 234 13.42 6.21 -5.82
CA SER A 234 13.95 5.25 -6.77
C SER A 234 12.88 4.82 -7.76
N ILE A 235 13.31 4.22 -8.86
CA ILE A 235 12.34 3.80 -9.85
C ILE A 235 11.47 2.68 -9.29
N GLN A 236 12.03 1.87 -8.39
CA GLN A 236 11.24 0.81 -7.77
C GLN A 236 10.08 1.40 -6.96
N VAL A 237 10.37 2.40 -6.13
CA VAL A 237 9.33 3.07 -5.36
C VAL A 237 8.35 3.73 -6.32
N ALA A 238 8.87 4.36 -7.37
CA ALA A 238 8.03 5.01 -8.37
C ALA A 238 6.95 4.07 -8.92
N SER A 239 7.34 2.85 -9.29
CA SER A 239 6.41 1.88 -9.84
C SER A 239 5.47 1.29 -8.79
N LEU A 240 5.93 1.17 -7.55
CA LEU A 240 5.09 0.58 -6.52
C LEU A 240 3.90 1.46 -6.20
N ILE A 241 4.09 2.77 -6.26
CA ILE A 241 3.04 3.69 -5.87
C ILE A 241 2.08 4.04 -7.02
N GLY A 242 2.44 3.66 -8.24
CA GLY A 242 1.63 3.96 -9.40
C GLY A 242 2.30 3.63 -10.73
N GLU A 243 1.50 3.67 -11.80
CA GLU A 243 2.00 3.38 -13.14
C GLU A 243 3.07 4.33 -13.55
N ILE A 244 4.12 3.81 -14.17
CA ILE A 244 5.18 4.67 -14.67
C ILE A 244 5.89 4.01 -15.81
N ASN A 245 6.27 4.82 -16.80
CA ASN A 245 7.10 4.36 -17.88
C ASN A 245 8.55 4.42 -17.43
N GLU A 246 9.29 3.33 -17.60
CA GLU A 246 10.70 3.28 -17.21
C GLU A 246 11.62 3.12 -18.43
N LEU A 247 12.49 4.10 -18.65
CA LEU A 247 13.41 4.10 -19.80
C LEU A 247 14.87 4.26 -19.41
N GLU A 248 15.74 3.52 -20.08
CA GLU A 248 17.17 3.65 -19.84
C GLU A 248 17.80 4.39 -21.02
N GLY A 249 18.58 5.42 -20.71
CA GLY A 249 19.23 6.22 -21.72
C GLY A 249 20.68 6.55 -21.39
N LYS A 250 21.35 7.21 -22.32
CA LYS A 250 22.73 7.63 -22.11
C LYS A 250 22.75 9.10 -21.68
N VAL A 251 23.53 9.39 -20.64
CA VAL A 251 23.64 10.76 -20.17
C VAL A 251 24.52 11.54 -21.13
N THR A 252 23.97 12.67 -21.59
CA THR A 252 24.62 13.52 -22.56
C THR A 252 24.64 14.96 -22.10
N ASN A 253 25.51 15.76 -22.70
CA ASN A 253 25.63 17.17 -22.36
C ASN A 253 24.31 17.91 -22.59
N GLU A 254 23.49 17.41 -23.51
CA GLU A 254 22.23 18.04 -23.82
C GLU A 254 21.08 17.45 -23.03
N GLY A 255 21.26 16.21 -22.58
CA GLY A 255 20.27 15.50 -21.80
C GLY A 255 20.38 14.01 -21.97
N VAL A 256 19.37 13.28 -21.49
CA VAL A 256 19.35 11.83 -21.59
C VAL A 256 18.74 11.42 -22.92
N VAL A 257 19.49 10.61 -23.65
CA VAL A 257 19.09 10.20 -24.99
C VAL A 257 18.59 8.77 -25.07
N ILE A 258 17.37 8.62 -25.57
CA ILE A 258 16.80 7.32 -25.82
C ILE A 258 16.32 7.33 -27.26
N GLY A 259 17.12 6.77 -28.16
CA GLY A 259 16.81 6.77 -29.57
C GLY A 259 16.61 8.20 -30.06
N SER A 260 15.44 8.48 -30.60
CA SER A 260 15.12 9.80 -31.14
C SER A 260 14.60 10.77 -30.08
N LEU A 261 14.45 10.30 -28.84
CA LEU A 261 13.97 11.16 -27.77
C LEU A 261 15.14 11.69 -26.93
N ARG A 262 14.99 12.90 -26.42
CA ARG A 262 16.02 13.54 -25.63
C ARG A 262 15.36 14.26 -24.47
N PHE A 263 15.62 13.77 -23.26
CA PHE A 263 15.03 14.31 -22.04
C PHE A 263 15.99 15.26 -21.36
N PRO A 264 15.54 16.48 -21.10
CA PRO A 264 16.39 17.54 -20.54
C PRO A 264 16.64 17.43 -19.05
N VAL A 265 17.30 16.37 -18.63
CA VAL A 265 17.65 16.18 -17.24
C VAL A 265 19.03 15.54 -17.19
N SER A 266 19.64 15.56 -16.02
CA SER A 266 20.97 15.00 -15.85
C SER A 266 21.15 14.41 -14.47
N VAL A 267 22.10 13.48 -14.36
CA VAL A 267 22.46 12.88 -13.08
C VAL A 267 23.98 12.93 -12.89
N SER A 268 24.63 11.77 -12.87
CA SER A 268 26.09 11.73 -12.70
C SER A 268 26.71 10.54 -13.44
N SER A 269 26.05 9.39 -13.34
CA SER A 269 26.52 8.19 -14.01
C SER A 269 26.55 8.37 -15.51
N ASP A 270 27.07 7.37 -16.22
CA ASP A 270 27.11 7.40 -17.67
C ASP A 270 25.75 7.02 -18.22
N ARG A 271 24.99 6.30 -17.41
CA ARG A 271 23.66 5.87 -17.80
C ARG A 271 22.63 6.40 -16.81
N ALA A 272 21.39 6.50 -17.26
CA ALA A 272 20.33 7.01 -16.40
C ALA A 272 19.02 6.28 -16.64
N ILE A 273 18.22 6.18 -15.58
CA ILE A 273 16.88 5.62 -15.72
C ILE A 273 15.88 6.76 -15.67
N ILE A 274 15.07 6.86 -16.71
CA ILE A 274 14.04 7.88 -16.79
C ILE A 274 12.69 7.29 -16.44
N GLY A 275 11.97 8.00 -15.58
CA GLY A 275 10.62 7.62 -15.21
C GLY A 275 9.64 8.71 -15.61
N ILE A 276 8.62 8.33 -16.37
CA ILE A 276 7.60 9.28 -16.79
C ILE A 276 6.25 8.60 -16.70
N ARG A 277 5.37 9.19 -15.89
CA ARG A 277 4.04 8.62 -15.80
C ARG A 277 3.20 8.92 -17.05
N PRO A 278 2.23 8.02 -17.32
CA PRO A 278 1.36 8.16 -18.47
C PRO A 278 0.67 9.52 -18.51
N GLU A 279 0.19 10.06 -17.40
CA GLU A 279 -0.49 11.36 -17.43
C GLU A 279 0.45 12.53 -17.77
N ASP A 280 1.76 12.27 -17.71
CA ASP A 280 2.76 13.29 -17.99
C ASP A 280 3.35 13.18 -19.40
N VAL A 281 2.65 12.44 -20.25
CA VAL A 281 3.02 12.29 -21.66
C VAL A 281 1.84 12.67 -22.54
N LYS A 282 2.04 13.24 -23.75
CA LYS A 282 0.99 13.60 -24.67
C LYS A 282 1.49 13.47 -26.09
N LEU A 283 0.84 13.01 -26.84
CA LEU A 283 1.21 12.75 -28.23
C LEU A 283 0.50 13.72 -29.15
N SER A 284 1.16 14.12 -30.23
CA SER A 284 0.56 15.08 -31.13
C SER A 284 1.11 14.94 -32.52
N LYS A 285 0.28 15.29 -33.49
CA LYS A 285 0.66 15.27 -34.89
C LYS A 285 1.31 16.57 -35.28
N ASP A 286 1.19 17.59 -34.42
CA ASP A 286 1.87 18.83 -34.71
C ASP A 286 2.38 19.50 -33.45
N VAL A 287 3.29 20.45 -33.62
CA VAL A 287 3.90 21.12 -32.49
C VAL A 287 2.82 21.67 -31.58
N ILE A 288 3.00 21.49 -30.29
CA ILE A 288 2.07 22.03 -29.31
C ILE A 288 2.60 23.37 -28.86
N LYS A 289 1.77 24.40 -28.97
CA LYS A 289 2.15 25.74 -28.56
C LYS A 289 1.77 25.97 -27.11
N ASP A 290 2.34 25.17 -26.21
CA ASP A 290 2.02 25.27 -24.79
C ASP A 290 3.28 25.08 -23.96
N ASP A 291 3.64 26.13 -23.22
CA ASP A 291 4.86 26.13 -22.41
C ASP A 291 4.83 25.15 -21.25
N SER A 292 3.71 24.46 -21.05
CA SER A 292 3.60 23.49 -19.97
C SER A 292 3.96 22.09 -20.45
N TRP A 293 4.14 21.95 -21.76
CA TRP A 293 4.53 20.68 -22.36
C TRP A 293 5.86 20.87 -23.07
N ILE A 294 6.77 19.93 -22.89
CA ILE A 294 8.08 20.01 -23.54
C ILE A 294 8.24 18.91 -24.57
N LEU A 295 8.66 19.30 -25.76
CA LEU A 295 8.92 18.36 -26.84
C LEU A 295 10.19 17.57 -26.55
N VAL A 296 10.13 16.25 -26.62
CA VAL A 296 11.34 15.44 -26.41
C VAL A 296 11.78 14.71 -27.67
N GLY A 297 10.94 14.72 -28.69
CA GLY A 297 11.30 14.09 -29.95
C GLY A 297 10.16 13.37 -30.63
N LYS A 298 10.50 12.67 -31.72
CA LYS A 298 9.51 11.92 -32.48
C LYS A 298 9.43 10.50 -31.97
N GLY A 299 8.26 9.92 -32.12
CA GLY A 299 8.02 8.55 -31.73
C GLY A 299 7.14 7.91 -32.78
N LYS A 300 6.88 6.61 -32.61
CA LYS A 300 6.05 5.86 -33.53
C LYS A 300 5.14 4.95 -32.73
N VAL A 301 3.85 4.99 -33.05
CA VAL A 301 2.88 4.18 -32.34
C VAL A 301 3.11 2.71 -32.64
N LYS A 302 3.18 1.91 -31.58
CA LYS A 302 3.41 0.48 -31.72
C LYS A 302 2.11 -0.28 -31.67
N VAL A 303 1.28 0.00 -30.66
CA VAL A 303 0.02 -0.72 -30.49
C VAL A 303 -0.94 0.10 -29.65
N ILE A 304 -2.23 -0.16 -29.82
CA ILE A 304 -3.21 0.56 -29.03
C ILE A 304 -4.10 -0.41 -28.29
N GLY A 305 -4.49 -0.03 -27.08
CA GLY A 305 -5.37 -0.81 -26.25
C GLY A 305 -6.56 0.01 -25.83
N TYR A 306 -7.55 -0.65 -25.24
CA TYR A 306 -8.76 0.01 -24.80
C TYR A 306 -9.20 -0.58 -23.48
N GLN A 307 -9.14 0.22 -22.42
CA GLN A 307 -9.55 -0.20 -21.10
C GLN A 307 -9.97 1.01 -20.27
N GLY A 308 -10.92 0.83 -19.37
CA GLY A 308 -11.40 1.90 -18.53
C GLY A 308 -11.92 3.09 -19.33
N GLY A 309 -12.59 2.82 -20.43
CA GLY A 309 -13.17 3.86 -21.27
C GLY A 309 -12.14 4.69 -22.01
N LEU A 310 -10.86 4.45 -21.74
CA LEU A 310 -9.80 5.20 -22.40
C LEU A 310 -8.93 4.31 -23.29
N PHE A 311 -8.28 4.95 -24.25
CA PHE A 311 -7.35 4.26 -25.12
C PHE A 311 -5.97 4.28 -24.49
N ARG A 312 -5.28 3.14 -24.53
CA ARG A 312 -3.92 3.06 -24.05
C ARG A 312 -3.00 3.01 -25.26
N ILE A 313 -2.29 4.11 -25.49
CA ILE A 313 -1.43 4.20 -26.65
C ILE A 313 0.02 3.95 -26.27
N THR A 314 0.64 2.97 -26.92
CA THR A 314 2.03 2.65 -26.68
C THR A 314 2.89 3.05 -27.87
N ILE A 315 3.91 3.87 -27.63
CA ILE A 315 4.86 4.28 -28.67
C ILE A 315 6.29 3.85 -28.32
N THR A 316 7.17 3.94 -29.31
CA THR A 316 8.60 3.77 -29.11
C THR A 316 9.32 4.90 -29.80
N PRO A 317 10.48 5.30 -29.28
CA PRO A 317 11.32 6.27 -29.98
C PRO A 317 11.70 5.71 -31.31
N LEU A 318 12.11 6.58 -32.23
CA LEU A 318 12.67 6.09 -33.48
C LEU A 318 13.99 5.47 -33.07
N ASP A 319 14.27 4.27 -33.56
CA ASP A 319 15.52 3.58 -33.29
C ASP A 319 15.63 3.12 -31.84
N SER A 320 14.53 2.61 -31.29
CA SER A 320 14.54 2.09 -29.93
C SER A 320 13.40 1.10 -29.74
N GLU A 321 13.56 0.21 -28.77
CA GLU A 321 12.55 -0.77 -28.46
C GLU A 321 11.85 -0.37 -27.18
N GLU A 322 12.45 0.59 -26.47
CA GLU A 322 11.89 1.13 -25.24
C GLU A 322 10.48 1.63 -25.48
N GLU A 323 9.55 1.25 -24.63
CA GLU A 323 8.17 1.66 -24.78
C GLU A 323 7.74 2.77 -23.84
N ILE A 324 6.86 3.63 -24.36
CA ILE A 324 6.21 4.66 -23.55
C ILE A 324 4.70 4.54 -23.79
N PHE A 325 3.91 4.42 -22.72
CA PHE A 325 2.46 4.37 -22.92
C PHE A 325 1.78 5.55 -22.23
N THR A 326 0.62 5.93 -22.77
CA THR A 326 -0.17 6.99 -22.20
C THR A 326 -1.63 6.71 -22.48
N TYR A 327 -2.51 7.46 -21.84
CA TYR A 327 -3.94 7.25 -22.01
C TYR A 327 -4.55 8.46 -22.67
N SER A 328 -5.54 8.23 -23.52
CA SER A 328 -6.17 9.29 -24.29
C SER A 328 -7.63 8.97 -24.59
N ASP A 329 -8.42 10.03 -24.80
CA ASP A 329 -9.83 9.91 -25.14
C ASP A 329 -9.98 9.52 -26.60
N HIS A 330 -8.92 9.78 -27.37
CA HIS A 330 -8.93 9.47 -28.81
C HIS A 330 -7.76 8.58 -29.18
N PRO A 331 -7.95 7.74 -30.18
CA PRO A 331 -6.93 6.78 -30.59
C PRO A 331 -6.01 7.33 -31.65
N ILE A 332 -4.83 6.73 -31.77
CA ILE A 332 -3.88 7.03 -32.83
C ILE A 332 -3.42 5.67 -33.38
N HIS A 333 -3.67 5.43 -34.67
CA HIS A 333 -3.34 4.16 -35.30
C HIS A 333 -1.87 3.78 -35.25
N SER A 334 -1.59 2.49 -35.13
CA SER A 334 -0.22 1.99 -35.07
C SER A 334 0.52 2.34 -36.35
N GLY A 335 1.82 2.57 -36.23
CA GLY A 335 2.63 2.93 -37.39
C GLY A 335 2.70 4.42 -37.66
N GLU A 336 1.84 5.21 -37.02
CA GLU A 336 1.87 6.65 -37.23
C GLU A 336 3.01 7.25 -36.43
N GLU A 337 3.70 8.21 -37.03
CA GLU A 337 4.76 8.93 -36.31
C GLU A 337 4.09 10.05 -35.53
N VAL A 338 4.56 10.30 -34.32
CA VAL A 338 4.01 11.36 -33.50
C VAL A 338 5.09 12.17 -32.84
N LEU A 339 4.74 13.39 -32.42
CA LEU A 339 5.59 14.19 -31.57
C LEU A 339 5.30 13.75 -30.13
N VAL A 340 6.33 13.61 -29.32
CA VAL A 340 6.17 13.21 -27.95
C VAL A 340 6.48 14.38 -27.02
N TYR A 341 5.50 14.76 -26.20
CA TYR A 341 5.67 15.84 -25.25
C TYR A 341 5.59 15.29 -23.83
N VAL A 342 6.30 15.94 -22.91
CA VAL A 342 6.23 15.58 -21.50
C VAL A 342 6.12 16.81 -20.60
N ARG A 343 5.64 16.61 -19.38
CA ARG A 343 5.63 17.67 -18.37
C ARG A 343 7.04 17.72 -17.80
N LYS A 344 7.80 18.77 -18.09
CA LYS A 344 9.19 18.74 -17.69
C LYS A 344 9.44 18.54 -16.19
N ASP A 345 8.73 19.28 -15.35
CA ASP A 345 8.98 19.17 -13.93
C ASP A 345 8.53 17.82 -13.38
N LYS A 346 8.03 16.96 -14.26
CA LYS A 346 7.55 15.64 -13.85
C LYS A 346 8.47 14.52 -14.33
N ILE A 347 9.57 14.86 -14.98
CA ILE A 347 10.50 13.82 -15.40
C ILE A 347 11.28 13.34 -14.17
N LYS A 348 11.25 12.04 -13.92
CA LYS A 348 11.98 11.49 -12.79
C LYS A 348 13.25 10.85 -13.36
N VAL A 349 14.38 11.13 -12.75
CA VAL A 349 15.62 10.56 -13.26
C VAL A 349 16.45 9.98 -12.13
N PHE A 350 17.05 8.82 -12.39
CA PHE A 350 17.88 8.13 -11.43
C PHE A 350 19.16 7.61 -12.08
N GLU A 351 20.19 7.42 -11.28
CA GLU A 351 21.43 6.87 -11.80
C GLU A 351 21.19 5.39 -12.10
N LYS A 352 21.88 4.88 -13.12
CA LYS A 352 21.76 3.48 -13.47
C LYS A 352 22.81 2.73 -12.66
N ASN A 353 23.91 3.41 -12.35
CA ASN A 353 24.95 2.83 -11.53
C ASN A 353 24.35 2.32 -10.23
N MET B 1 37.65 34.29 16.98
CA MET B 1 37.57 34.16 18.46
C MET B 1 38.84 33.53 19.04
N VAL B 2 39.71 33.03 18.18
CA VAL B 2 40.99 32.46 18.63
C VAL B 2 42.10 32.72 17.62
N ARG B 3 43.27 33.03 18.12
CA ARG B 3 44.42 33.32 17.29
C ARG B 3 45.21 32.04 17.20
N ILE B 4 45.63 31.66 16.01
CA ILE B 4 46.37 30.42 15.83
C ILE B 4 47.77 30.72 15.35
N ILE B 5 48.75 30.34 16.16
CA ILE B 5 50.15 30.52 15.83
C ILE B 5 50.78 29.18 15.43
N VAL B 6 51.13 29.07 14.16
CA VAL B 6 51.82 27.90 13.64
C VAL B 6 53.29 28.25 13.51
N LYS B 7 54.10 27.67 14.38
CA LYS B 7 55.52 28.01 14.45
C LYS B 7 56.47 26.89 14.05
N ASN B 8 57.11 27.08 12.90
CA ASN B 8 58.09 26.12 12.38
C ASN B 8 57.55 24.70 12.37
N VAL B 9 56.30 24.54 11.97
CA VAL B 9 55.69 23.22 11.98
C VAL B 9 56.09 22.38 10.78
N SER B 10 56.56 21.18 11.08
CA SER B 10 56.91 20.21 10.08
C SER B 10 56.24 18.89 10.43
N LYS B 11 55.94 18.10 9.42
CA LYS B 11 55.34 16.80 9.63
C LYS B 11 55.94 15.80 8.66
N VAL B 12 56.42 14.70 9.21
CA VAL B 12 57.05 13.69 8.38
C VAL B 12 56.34 12.35 8.52
N PHE B 13 56.46 11.54 7.48
CA PHE B 13 55.94 10.18 7.48
C PHE B 13 57.03 9.25 6.95
N LYS B 14 56.77 7.96 6.99
CA LYS B 14 57.73 6.97 6.52
C LYS B 14 59.08 7.13 7.21
N LYS B 15 59.04 7.29 8.53
CA LYS B 15 60.25 7.37 9.34
C LYS B 15 61.16 8.53 8.91
N GLY B 16 60.58 9.58 8.35
CA GLY B 16 61.33 10.77 7.94
C GLY B 16 61.56 10.92 6.44
N LYS B 17 61.27 9.86 5.69
CA LYS B 17 61.51 9.87 4.25
C LYS B 17 60.59 10.80 3.49
N VAL B 18 59.39 10.98 4.01
CA VAL B 18 58.40 11.85 3.38
C VAL B 18 58.09 13.03 4.30
N VAL B 19 58.30 14.24 3.79
CA VAL B 19 58.02 15.44 4.55
C VAL B 19 56.71 16.02 4.02
N ALA B 20 55.62 15.81 4.75
CA ALA B 20 54.29 16.27 4.32
C ALA B 20 54.12 17.76 4.52
N LEU B 21 54.77 18.31 5.54
CA LEU B 21 54.77 19.74 5.83
C LEU B 21 56.19 20.13 6.22
N ASP B 22 56.70 21.23 5.65
CA ASP B 22 58.08 21.63 5.88
C ASP B 22 58.23 23.07 6.36
N ASN B 23 58.47 23.23 7.65
CA ASN B 23 58.72 24.54 8.25
C ASN B 23 57.66 25.59 7.93
N VAL B 24 56.42 25.26 8.25
CA VAL B 24 55.30 26.16 8.00
C VAL B 24 55.19 27.18 9.13
N ASN B 25 55.14 28.45 8.77
CA ASN B 25 54.96 29.54 9.71
C ASN B 25 53.80 30.40 9.23
N ILE B 26 52.76 30.49 10.06
CA ILE B 26 51.59 31.30 9.77
C ILE B 26 50.97 31.72 11.08
N ASN B 27 50.52 32.97 11.15
CA ASN B 27 49.77 33.46 12.29
C ASN B 27 48.37 33.78 11.77
N ILE B 28 47.39 33.03 12.24
CA ILE B 28 46.01 33.27 11.83
C ILE B 28 45.29 34.09 12.90
N GLU B 29 44.71 35.21 12.49
CA GLU B 29 44.09 36.13 13.41
C GLU B 29 42.71 35.72 13.88
N ASN B 30 42.38 36.21 15.07
CA ASN B 30 41.07 36.01 15.68
C ASN B 30 39.97 36.43 14.71
N GLY B 31 39.10 35.50 14.33
CA GLY B 31 38.00 35.82 13.45
C GLY B 31 38.37 35.90 11.96
N GLU B 32 39.61 35.61 11.62
CA GLU B 32 40.00 35.65 10.21
C GLU B 32 39.45 34.46 9.45
N ARG B 33 39.14 34.67 8.16
CA ARG B 33 38.74 33.58 7.29
C ARG B 33 39.98 33.29 6.44
N PHE B 34 40.63 32.18 6.73
CA PHE B 34 41.88 31.80 6.10
C PHE B 34 41.72 30.54 5.26
N GLY B 35 42.17 30.60 4.02
CA GLY B 35 42.11 29.43 3.13
C GLY B 35 43.50 28.91 2.81
N ILE B 36 43.56 27.63 2.48
CA ILE B 36 44.78 26.99 2.02
C ILE B 36 44.45 26.37 0.68
N LEU B 37 45.22 26.75 -0.34
CA LEU B 37 45.07 26.21 -1.67
C LEU B 37 46.32 25.42 -2.00
N GLY B 38 46.17 24.31 -2.71
CA GLY B 38 47.30 23.49 -3.12
C GLY B 38 46.87 22.24 -3.85
N PRO B 39 47.73 21.75 -4.73
CA PRO B 39 47.44 20.54 -5.50
C PRO B 39 47.31 19.32 -4.59
N SER B 40 46.85 18.21 -5.15
CA SER B 40 46.73 16.98 -4.40
C SER B 40 48.11 16.60 -3.86
N GLY B 41 48.16 16.25 -2.58
CA GLY B 41 49.39 15.81 -1.95
C GLY B 41 50.25 16.93 -1.39
N ALA B 42 49.74 18.15 -1.45
CA ALA B 42 50.50 19.31 -0.99
C ALA B 42 50.67 19.33 0.54
N GLY B 43 49.75 18.65 1.24
CA GLY B 43 49.77 18.59 2.69
C GLY B 43 48.62 19.33 3.38
N LYS B 44 47.52 19.56 2.67
CA LYS B 44 46.39 20.30 3.21
C LYS B 44 45.72 19.60 4.38
N THR B 45 45.33 18.35 4.17
CA THR B 45 44.67 17.60 5.24
C THR B 45 45.62 17.35 6.42
N THR B 46 46.90 17.15 6.15
CA THR B 46 47.86 16.98 7.23
C THR B 46 47.87 18.24 8.13
N PHE B 47 47.89 19.40 7.49
CA PHE B 47 47.87 20.67 8.20
C PHE B 47 46.59 20.80 9.02
N MET B 48 45.44 20.55 8.41
CA MET B 48 44.17 20.67 9.10
C MET B 48 44.06 19.71 10.29
N ARG B 49 44.59 18.50 10.12
CA ARG B 49 44.57 17.49 11.16
C ARG B 49 45.41 17.93 12.36
N ILE B 50 46.53 18.60 12.09
CA ILE B 50 47.38 19.13 13.15
C ILE B 50 46.66 20.29 13.85
N ILE B 51 45.98 21.14 13.09
CA ILE B 51 45.25 22.26 13.71
C ILE B 51 44.12 21.71 14.60
N ALA B 52 43.41 20.70 14.09
CA ALA B 52 42.34 20.02 14.84
C ALA B 52 42.86 19.26 16.08
N GLY B 53 44.08 18.77 16.02
CA GLY B 53 44.64 17.99 17.12
C GLY B 53 44.51 16.49 16.90
N LEU B 54 44.15 16.09 15.68
CA LEU B 54 44.04 14.68 15.32
C LEU B 54 45.43 14.13 15.01
N ASP B 55 46.37 15.05 14.81
CA ASP B 55 47.77 14.69 14.61
C ASP B 55 48.57 15.81 15.23
N VAL B 56 49.89 15.62 15.30
CA VAL B 56 50.75 16.62 15.89
C VAL B 56 51.93 16.90 14.99
N PRO B 57 52.55 18.05 15.17
CA PRO B 57 53.76 18.39 14.45
C PRO B 57 54.89 17.41 14.81
N SER B 58 55.74 17.05 13.84
CA SER B 58 56.92 16.21 14.12
C SER B 58 57.91 17.12 14.81
N THR B 59 58.04 18.33 14.27
CA THR B 59 58.85 19.40 14.86
C THR B 59 58.05 20.69 14.73
N GLY B 60 58.30 21.60 15.65
CA GLY B 60 57.59 22.87 15.68
C GLY B 60 56.51 22.91 16.77
N GLU B 61 55.95 24.10 16.96
CA GLU B 61 54.94 24.32 17.98
C GLU B 61 53.65 24.93 17.41
N LEU B 62 52.55 24.62 18.07
CA LEU B 62 51.26 25.15 17.69
C LEU B 62 50.62 25.77 18.91
N TYR B 63 50.19 27.02 18.77
CA TYR B 63 49.54 27.74 19.86
C TYR B 63 48.13 28.23 19.49
N PHE B 64 47.20 28.07 20.42
CA PHE B 64 45.86 28.66 20.33
C PHE B 64 45.90 29.81 21.36
N ASP B 65 45.88 31.04 20.88
CA ASP B 65 46.14 32.21 21.74
C ASP B 65 47.50 31.99 22.42
N ASP B 66 47.58 32.08 23.74
CA ASP B 66 48.86 31.87 24.41
C ASP B 66 49.10 30.39 24.82
N ARG B 67 48.13 29.53 24.55
CA ARG B 67 48.22 28.13 24.98
C ARG B 67 48.95 27.22 24.00
N LEU B 68 49.98 26.55 24.48
CA LEU B 68 50.72 25.63 23.63
C LEU B 68 49.90 24.33 23.54
N VAL B 69 49.42 23.99 22.36
CA VAL B 69 48.56 22.80 22.21
C VAL B 69 49.24 21.55 21.66
N ALA B 70 50.37 21.73 20.97
CA ALA B 70 51.14 20.60 20.45
C ALA B 70 52.53 21.09 20.24
N SER B 71 53.49 20.20 20.38
CA SER B 71 54.89 20.56 20.24
C SER B 71 55.76 19.32 20.03
N ASN B 72 56.55 19.39 18.99
CA ASN B 72 57.58 18.40 18.73
C ASN B 72 57.18 16.99 19.09
N GLY B 73 56.14 16.51 18.42
CA GLY B 73 55.67 15.15 18.57
C GLY B 73 54.76 14.90 19.74
N LYS B 74 54.49 15.94 20.53
CA LYS B 74 53.68 15.77 21.71
C LYS B 74 52.35 16.53 21.61
N LEU B 75 51.26 15.81 21.84
CA LEU B 75 49.94 16.40 21.87
C LEU B 75 49.73 16.88 23.30
N ILE B 76 49.63 18.18 23.49
CA ILE B 76 49.50 18.75 24.83
C ILE B 76 48.04 19.00 25.19
N VAL B 77 47.30 19.55 24.23
CA VAL B 77 45.87 19.79 24.41
C VAL B 77 45.12 19.03 23.34
N PRO B 78 44.32 18.04 23.73
CA PRO B 78 43.58 17.18 22.80
C PRO B 78 42.46 17.92 22.08
N PRO B 79 41.93 17.33 21.01
CA PRO B 79 40.90 17.99 20.20
C PRO B 79 39.67 18.37 21.03
N GLU B 80 39.29 17.50 21.96
CA GLU B 80 38.12 17.70 22.80
C GLU B 80 38.17 19.01 23.58
N ASP B 81 39.37 19.50 23.84
CA ASP B 81 39.54 20.71 24.64
C ASP B 81 39.97 21.96 23.84
N ARG B 82 39.87 21.92 22.51
CA ARG B 82 40.35 23.03 21.69
C ARG B 82 39.27 24.01 21.16
N LYS B 83 38.02 23.73 21.45
CA LYS B 83 36.89 24.57 20.98
C LYS B 83 36.92 24.70 19.46
N ILE B 84 36.89 23.54 18.81
CA ILE B 84 36.94 23.45 17.37
C ILE B 84 35.71 22.72 16.87
N GLY B 85 35.27 23.12 15.69
CA GLY B 85 34.21 22.46 14.96
C GLY B 85 34.79 21.99 13.63
N MET B 86 34.47 20.77 13.22
CA MET B 86 35.03 20.25 12.00
C MET B 86 33.98 19.79 11.00
N VAL B 87 34.21 20.10 9.74
CA VAL B 87 33.43 19.52 8.64
C VAL B 87 34.47 19.06 7.61
N PHE B 88 34.83 17.78 7.66
CA PHE B 88 35.84 17.20 6.77
C PHE B 88 35.16 16.43 5.63
N GLN B 89 35.89 16.11 4.54
CA GLN B 89 35.26 15.45 3.38
C GLN B 89 34.68 14.08 3.73
N THR B 90 35.31 13.39 4.66
CA THR B 90 34.84 12.09 5.08
C THR B 90 33.65 12.22 6.04
N TRP B 91 33.27 13.46 6.34
CA TRP B 91 32.16 13.70 7.23
C TRP B 91 31.02 12.75 6.94
N ALA B 92 30.89 11.73 7.78
CA ALA B 92 29.84 10.75 7.64
C ALA B 92 28.67 11.09 8.56
N LEU B 93 27.68 11.80 8.02
CA LEU B 93 26.48 12.10 8.77
C LEU B 93 25.82 10.78 9.11
N TYR B 94 26.15 10.20 10.26
CA TYR B 94 25.60 8.91 10.63
C TYR B 94 24.22 8.75 10.04
N PRO B 95 24.05 7.68 9.26
CA PRO B 95 22.78 7.41 8.56
C PRO B 95 21.71 6.84 9.48
N ASN B 96 22.12 6.26 10.59
CA ASN B 96 21.18 5.65 11.52
C ASN B 96 20.56 6.59 12.53
N LEU B 97 21.12 7.80 12.68
CA LEU B 97 20.57 8.77 13.61
C LEU B 97 19.83 9.87 12.87
N THR B 98 18.82 10.42 13.51
CA THR B 98 18.10 11.56 12.98
C THR B 98 19.01 12.78 12.97
N ALA B 99 18.52 13.86 12.36
CA ALA B 99 19.29 15.11 12.35
C ALA B 99 19.54 15.58 13.79
N PHE B 100 18.50 15.53 14.62
CA PHE B 100 18.61 15.90 16.04
C PHE B 100 19.69 15.10 16.78
N GLU B 101 19.65 13.78 16.66
CA GLU B 101 20.61 12.94 17.37
C GLU B 101 22.01 13.15 16.81
N ASN B 102 22.08 13.44 15.52
CA ASN B 102 23.36 13.72 14.89
C ASN B 102 23.99 15.00 15.45
N ILE B 103 23.19 16.06 15.57
CA ILE B 103 23.67 17.32 16.11
C ILE B 103 23.94 17.22 17.61
N ALA B 104 23.16 16.43 18.33
CA ALA B 104 23.31 16.31 19.78
C ALA B 104 24.49 15.44 20.21
N PHE B 105 24.94 14.56 19.32
CA PHE B 105 25.97 13.57 19.65
C PHE B 105 27.18 14.14 20.41
N PRO B 106 27.80 15.18 19.87
CA PRO B 106 28.96 15.80 20.53
C PRO B 106 28.67 16.30 21.92
N LEU B 107 27.40 16.49 22.27
CA LEU B 107 27.06 17.00 23.59
C LEU B 107 26.86 15.88 24.61
N THR B 108 27.01 14.64 24.18
CA THR B 108 26.76 13.48 25.04
C THR B 108 27.43 13.60 26.41
N ASN B 109 28.73 13.86 26.41
CA ASN B 109 29.50 13.94 27.66
C ASN B 109 29.95 15.35 28.01
N MET B 110 29.10 16.34 27.76
CA MET B 110 29.44 17.72 28.07
C MET B 110 28.76 18.19 29.36
N LYS B 111 28.30 17.24 30.16
CA LYS B 111 27.69 17.56 31.44
C LYS B 111 26.44 18.43 31.30
N MET B 112 25.68 18.14 30.25
CA MET B 112 24.42 18.82 30.03
C MET B 112 23.26 17.85 30.21
N SER B 113 22.19 18.36 30.80
CA SER B 113 20.98 17.61 31.05
C SER B 113 20.23 17.47 29.75
N LYS B 114 19.25 16.58 29.74
CA LYS B 114 18.45 16.39 28.54
C LYS B 114 17.85 17.71 28.05
N GLU B 115 17.34 18.50 28.98
CA GLU B 115 16.69 19.78 28.65
C GLU B 115 17.68 20.76 28.02
N GLU B 116 18.88 20.81 28.59
CA GLU B 116 19.90 21.73 28.09
C GLU B 116 20.39 21.30 26.71
N ILE B 117 20.48 19.99 26.49
CA ILE B 117 20.92 19.49 25.21
C ILE B 117 19.87 19.85 24.15
N ARG B 118 18.62 19.58 24.44
CA ARG B 118 17.55 19.88 23.50
C ARG B 118 17.55 21.37 23.12
N LYS B 119 17.71 22.22 24.11
CA LYS B 119 17.71 23.67 23.88
C LYS B 119 18.86 24.09 22.97
N ARG B 120 20.05 23.59 23.24
CA ARG B 120 21.19 23.93 22.42
C ARG B 120 21.02 23.46 20.97
N VAL B 121 20.56 22.22 20.79
CA VAL B 121 20.38 21.68 19.45
C VAL B 121 19.32 22.46 18.66
N GLU B 122 18.20 22.76 19.30
CA GLU B 122 17.13 23.46 18.60
C GLU B 122 17.57 24.87 18.21
N GLU B 123 18.35 25.50 19.07
CA GLU B 123 18.85 26.85 18.82
C GLU B 123 19.76 26.88 17.59
N VAL B 124 20.71 25.95 17.51
CA VAL B 124 21.61 25.88 16.39
C VAL B 124 20.85 25.52 15.11
N ALA B 125 19.86 24.64 15.26
CA ALA B 125 19.00 24.22 14.16
C ALA B 125 18.19 25.39 13.58
N LYS B 126 17.67 26.24 14.45
CA LYS B 126 16.90 27.40 13.99
C LYS B 126 17.82 28.34 13.20
N ILE B 127 19.02 28.55 13.70
CA ILE B 127 20.01 29.38 13.03
C ILE B 127 20.33 28.88 11.62
N LEU B 128 20.54 27.57 11.49
CA LEU B 128 20.84 26.96 10.20
C LEU B 128 19.57 26.56 9.43
N ASP B 129 18.42 26.98 9.94
CA ASP B 129 17.14 26.74 9.29
C ASP B 129 16.88 25.28 8.93
N ILE B 130 17.16 24.37 9.86
CA ILE B 130 16.81 22.96 9.68
C ILE B 130 16.06 22.47 10.91
N HIS B 131 15.48 23.41 11.65
CA HIS B 131 14.72 23.05 12.84
C HIS B 131 13.52 22.16 12.46
N HIS B 132 12.98 22.37 11.26
CA HIS B 132 11.80 21.64 10.80
C HIS B 132 12.08 20.25 10.23
N VAL B 133 13.34 19.83 10.16
CA VAL B 133 13.64 18.49 9.67
C VAL B 133 14.46 17.73 10.70
N LEU B 134 14.40 18.19 11.93
CA LEU B 134 15.15 17.59 13.00
C LEU B 134 14.85 16.09 13.17
N ASN B 135 13.68 15.63 12.72
CA ASN B 135 13.33 14.23 12.83
C ASN B 135 13.63 13.36 11.60
N HIS B 136 14.13 13.97 10.54
CA HIS B 136 14.49 13.25 9.33
C HIS B 136 15.87 12.57 9.46
N PHE B 137 16.08 11.48 8.72
CA PHE B 137 17.38 10.82 8.64
C PHE B 137 18.13 11.35 7.39
N PRO B 138 19.45 11.37 7.46
CA PRO B 138 20.30 11.94 6.40
C PRO B 138 19.88 11.66 4.97
N ARG B 139 19.58 10.40 4.66
CA ARG B 139 19.16 10.00 3.33
C ARG B 139 17.86 10.68 2.94
N GLU B 140 16.82 10.84 4.10
CA GLU B 140 15.62 11.63 3.80
C GLU B 140 15.94 13.12 3.64
N LEU B 141 17.08 13.76 3.53
CA LEU B 141 17.28 15.19 3.43
C LEU B 141 17.91 15.54 2.09
N SER B 142 17.74 16.78 1.67
CA SER B 142 18.35 17.25 0.43
C SER B 142 19.84 17.48 0.65
N GLY B 143 20.59 17.43 -0.45
CA GLY B 143 22.02 17.69 -0.37
C GLY B 143 22.29 18.86 0.56
N GLY B 144 21.56 19.95 0.34
CA GLY B 144 21.71 21.17 1.13
C GLY B 144 21.38 21.03 2.60
N GLN B 145 20.34 20.28 2.92
CA GLN B 145 19.97 20.06 4.31
C GLN B 145 21.05 19.20 4.97
N GLN B 146 21.63 18.32 4.17
CA GLN B 146 22.70 17.47 4.65
C GLN B 146 23.86 18.32 5.15
N GLN B 147 24.23 19.32 4.35
CA GLN B 147 25.35 20.18 4.70
C GLN B 147 25.02 20.98 5.96
N ARG B 148 23.77 21.44 6.04
CA ARG B 148 23.34 22.23 7.18
C ARG B 148 23.41 21.45 8.49
N VAL B 149 23.05 20.17 8.45
CA VAL B 149 23.10 19.34 9.64
C VAL B 149 24.53 19.13 10.11
N ALA B 150 25.43 18.89 9.16
CA ALA B 150 26.85 18.68 9.47
C ALA B 150 27.44 19.96 10.03
N LEU B 151 26.97 21.10 9.54
CA LEU B 151 27.46 22.37 10.04
C LEU B 151 26.92 22.59 11.45
N ALA B 152 25.64 22.27 11.66
CA ALA B 152 25.05 22.42 12.99
C ALA B 152 25.80 21.56 13.99
N ARG B 153 26.16 20.35 13.58
CA ARG B 153 26.92 19.45 14.41
C ARG B 153 28.27 20.07 14.80
N ALA B 154 28.94 20.68 13.83
CA ALA B 154 30.25 21.29 14.07
C ALA B 154 30.14 22.52 14.98
N LEU B 155 28.97 23.12 15.04
CA LEU B 155 28.80 24.34 15.82
C LEU B 155 28.10 24.18 17.16
N VAL B 156 27.70 22.97 17.50
CA VAL B 156 26.85 22.74 18.66
C VAL B 156 27.51 23.01 20.00
N LYS B 157 28.83 22.85 20.05
CA LYS B 157 29.54 23.12 21.28
C LYS B 157 30.06 24.55 21.36
N ASP B 158 29.57 25.44 20.49
CA ASP B 158 30.00 26.85 20.55
C ASP B 158 31.52 27.01 20.41
N PRO B 159 32.06 26.56 19.29
CA PRO B 159 33.50 26.63 19.03
C PRO B 159 34.02 28.01 18.66
N SER B 160 35.31 28.23 18.88
CA SER B 160 35.95 29.48 18.50
C SER B 160 36.56 29.35 17.10
N LEU B 161 36.67 28.10 16.62
CA LEU B 161 37.34 27.86 15.35
C LEU B 161 36.61 26.79 14.54
N LEU B 162 36.34 27.11 13.28
CA LEU B 162 35.65 26.19 12.37
C LEU B 162 36.64 25.72 11.29
N LEU B 163 36.74 24.41 11.13
CA LEU B 163 37.69 23.82 10.19
C LEU B 163 36.94 23.11 9.07
N LEU B 164 37.16 23.56 7.82
CA LEU B 164 36.52 22.92 6.67
C LEU B 164 37.52 22.34 5.66
N ASP B 165 37.50 21.03 5.48
CA ASP B 165 38.40 20.38 4.54
C ASP B 165 37.63 19.89 3.31
N GLU B 166 37.73 20.65 2.23
CA GLU B 166 37.02 20.35 0.99
C GLU B 166 35.58 19.99 1.29
N PRO B 167 34.85 20.93 1.88
CA PRO B 167 33.47 20.68 2.31
C PRO B 167 32.43 20.62 1.20
N PHE B 168 32.71 21.24 0.05
CA PHE B 168 31.71 21.34 -1.01
C PHE B 168 31.83 20.28 -2.10
N SER B 169 32.66 19.26 -1.86
CA SER B 169 32.78 18.17 -2.80
C SER B 169 31.41 17.53 -2.93
N ASN B 170 30.37 18.37 -2.81
CA ASN B 170 29.00 17.92 -2.86
C ASN B 170 28.33 18.18 -4.20
N LEU B 171 27.01 18.29 -4.15
CA LEU B 171 26.19 18.51 -5.34
C LEU B 171 26.84 19.39 -6.39
N ASP B 172 26.26 19.37 -7.59
CA ASP B 172 26.75 20.18 -8.69
C ASP B 172 26.99 21.62 -8.30
N ALA B 173 27.69 22.35 -9.16
CA ALA B 173 28.00 23.75 -8.90
C ALA B 173 26.75 24.56 -8.56
N ARG B 174 25.58 23.98 -8.83
CA ARG B 174 24.32 24.64 -8.56
C ARG B 174 24.05 24.84 -7.07
N MET B 175 24.60 23.96 -6.24
CA MET B 175 24.43 24.07 -4.79
C MET B 175 25.69 24.64 -4.10
N ARG B 176 26.84 24.54 -4.76
CA ARG B 176 28.08 25.03 -4.16
C ARG B 176 28.01 26.52 -3.88
N ASP B 177 27.43 27.28 -4.79
CA ASP B 177 27.26 28.71 -4.59
C ASP B 177 26.53 28.99 -3.28
N SER B 178 25.42 28.30 -3.07
CA SER B 178 24.62 28.48 -1.86
C SER B 178 25.35 27.99 -0.61
N ALA B 179 26.07 26.87 -0.72
CA ALA B 179 26.83 26.34 0.40
C ALA B 179 27.91 27.34 0.79
N ARG B 180 28.56 27.92 -0.21
CA ARG B 180 29.61 28.89 0.04
C ARG B 180 29.02 30.11 0.75
N ALA B 181 27.88 30.55 0.27
CA ALA B 181 27.21 31.71 0.86
C ALA B 181 26.86 31.43 2.32
N LEU B 182 26.32 30.26 2.60
CA LEU B 182 25.96 29.90 3.97
C LEU B 182 27.14 29.92 4.94
N VAL B 183 28.28 29.37 4.53
CA VAL B 183 29.46 29.38 5.39
C VAL B 183 29.85 30.82 5.76
N LYS B 184 29.86 31.69 4.76
CA LYS B 184 30.24 33.09 4.97
C LYS B 184 29.27 33.75 5.91
N GLU B 185 27.99 33.42 5.76
CA GLU B 185 26.93 33.96 6.58
C GLU B 185 27.08 33.50 8.03
N VAL B 186 27.31 32.21 8.23
CA VAL B 186 27.46 31.69 9.58
C VAL B 186 28.72 32.24 10.24
N GLN B 187 29.83 32.33 9.51
CA GLN B 187 31.06 32.84 10.10
C GLN B 187 30.88 34.30 10.52
N SER B 188 30.25 35.09 9.67
CA SER B 188 30.09 36.52 9.94
C SER B 188 29.18 36.71 11.14
N ARG B 189 28.21 35.83 11.27
CA ARG B 189 27.29 35.88 12.39
C ARG B 189 27.96 35.48 13.70
N LEU B 190 28.80 34.45 13.68
CA LEU B 190 29.43 33.97 14.91
C LEU B 190 30.80 34.58 15.23
N GLY B 191 31.49 35.07 14.20
CA GLY B 191 32.82 35.63 14.37
C GLY B 191 33.93 34.59 14.61
N VAL B 192 33.61 33.32 14.38
CA VAL B 192 34.59 32.27 14.57
C VAL B 192 35.77 32.41 13.62
N THR B 193 36.93 31.98 14.08
CA THR B 193 38.08 31.89 13.20
C THR B 193 37.75 30.76 12.24
N LEU B 194 38.12 30.90 10.99
CA LEU B 194 37.79 29.89 9.99
C LEU B 194 38.97 29.51 9.09
N LEU B 195 39.21 28.21 8.96
CA LEU B 195 40.25 27.71 8.07
C LEU B 195 39.58 26.81 7.06
N VAL B 196 39.76 27.12 5.77
CA VAL B 196 39.24 26.19 4.78
C VAL B 196 40.32 25.76 3.81
N VAL B 197 40.38 24.45 3.57
CA VAL B 197 41.39 23.92 2.69
C VAL B 197 40.72 23.31 1.47
N SER B 198 41.31 23.58 0.30
CA SER B 198 40.74 23.07 -0.94
C SER B 198 41.74 23.08 -2.09
N HIS B 199 41.48 22.24 -3.09
CA HIS B 199 42.27 22.20 -4.30
C HIS B 199 41.54 23.05 -5.34
N ASP B 200 40.42 23.63 -4.94
CA ASP B 200 39.63 24.47 -5.84
C ASP B 200 39.64 25.94 -5.44
N PRO B 201 40.24 26.78 -6.27
CA PRO B 201 40.33 28.22 -6.03
C PRO B 201 38.97 28.92 -5.91
N ALA B 202 37.92 28.36 -6.50
CA ALA B 202 36.60 28.98 -6.42
C ALA B 202 36.14 29.12 -4.96
N ASP B 203 36.47 28.13 -4.14
CA ASP B 203 36.08 28.17 -2.74
C ASP B 203 36.84 29.29 -2.02
N ILE B 204 38.06 29.55 -2.45
CA ILE B 204 38.92 30.55 -1.80
C ILE B 204 38.44 31.97 -2.02
N PHE B 205 38.16 32.33 -3.26
CA PHE B 205 37.70 33.67 -3.59
C PHE B 205 36.40 33.98 -2.86
N ALA B 206 35.59 32.95 -2.64
CA ALA B 206 34.31 33.14 -1.98
C ALA B 206 34.44 33.35 -0.48
N ILE B 207 35.14 32.46 0.20
CA ILE B 207 35.22 32.47 1.65
C ILE B 207 36.43 33.13 2.30
N ALA B 208 37.62 33.00 1.70
CA ALA B 208 38.84 33.47 2.34
C ALA B 208 39.24 34.93 2.10
N ASP B 209 39.68 35.60 3.15
CA ASP B 209 40.18 36.96 3.04
C ASP B 209 41.70 36.95 2.87
N ARG B 210 42.33 35.88 3.31
CA ARG B 210 43.76 35.70 3.16
C ARG B 210 43.97 34.21 2.86
N VAL B 211 44.85 33.91 1.93
CA VAL B 211 45.08 32.54 1.52
C VAL B 211 46.54 32.18 1.49
N GLY B 212 46.81 30.95 1.87
CA GLY B 212 48.16 30.42 1.83
C GLY B 212 48.19 29.34 0.78
N VAL B 213 49.27 29.33 0.01
CA VAL B 213 49.42 28.35 -1.04
C VAL B 213 50.48 27.34 -0.61
N LEU B 214 50.07 26.09 -0.64
CA LEU B 214 50.91 25.00 -0.21
C LEU B 214 51.30 24.17 -1.41
N VAL B 215 52.59 23.92 -1.57
CA VAL B 215 53.08 23.10 -2.66
C VAL B 215 54.15 22.17 -2.13
N LYS B 216 53.89 20.86 -2.21
CA LYS B 216 54.83 19.87 -1.71
C LYS B 216 55.27 20.18 -0.29
N GLY B 217 54.31 20.47 0.57
CA GLY B 217 54.57 20.69 1.99
C GLY B 217 55.08 22.07 2.37
N LYS B 218 55.37 22.90 1.38
CA LYS B 218 55.89 24.24 1.65
C LYS B 218 54.87 25.34 1.37
N LEU B 219 54.86 26.35 2.23
CA LEU B 219 54.00 27.52 2.07
C LEU B 219 54.79 28.48 1.20
N VAL B 220 54.45 28.52 -0.09
CA VAL B 220 55.20 29.30 -1.05
C VAL B 220 54.74 30.75 -1.18
N GLN B 221 53.52 31.03 -0.75
CA GLN B 221 52.98 32.37 -0.85
C GLN B 221 51.77 32.54 0.04
N VAL B 222 51.64 33.72 0.61
CA VAL B 222 50.48 34.05 1.42
C VAL B 222 50.05 35.44 1.03
N GLY B 223 48.74 35.66 0.91
CA GLY B 223 48.22 36.98 0.63
C GLY B 223 46.73 36.97 0.40
N LYS B 224 46.18 38.13 0.03
CA LYS B 224 44.77 38.19 -0.35
C LYS B 224 44.62 37.46 -1.69
N PRO B 225 43.46 36.87 -1.94
CA PRO B 225 43.23 36.13 -3.20
C PRO B 225 43.54 36.97 -4.45
N GLU B 226 43.11 38.22 -4.48
CA GLU B 226 43.38 39.09 -5.63
C GLU B 226 44.89 39.26 -5.81
N ASP B 227 45.62 39.28 -4.69
CA ASP B 227 47.05 39.43 -4.76
C ASP B 227 47.71 38.18 -5.34
N LEU B 228 47.21 37.01 -4.97
CA LEU B 228 47.75 35.76 -5.50
C LEU B 228 47.41 35.71 -6.97
N TYR B 229 46.23 36.19 -7.32
CA TYR B 229 45.77 36.14 -8.70
C TYR B 229 46.58 37.08 -9.61
N ASP B 230 46.82 38.31 -9.15
CA ASP B 230 47.52 39.28 -9.99
C ASP B 230 49.03 39.24 -9.83
N ASN B 231 49.50 38.82 -8.65
CA ASN B 231 50.92 38.81 -8.40
C ASN B 231 51.44 37.48 -7.86
N PRO B 232 51.24 36.42 -8.62
CA PRO B 232 51.70 35.08 -8.21
C PRO B 232 53.23 35.03 -8.13
N VAL B 233 53.76 34.28 -7.18
CA VAL B 233 55.19 34.21 -6.99
C VAL B 233 55.86 33.31 -8.03
N SER B 234 55.09 32.40 -8.61
CA SER B 234 55.60 31.48 -9.63
C SER B 234 54.51 31.15 -10.64
N ILE B 235 54.88 30.51 -11.75
CA ILE B 235 53.88 30.15 -12.74
C ILE B 235 52.95 29.06 -12.16
N GLN B 236 53.47 28.25 -11.26
CA GLN B 236 52.66 27.20 -10.64
C GLN B 236 51.54 27.81 -9.79
N VAL B 237 51.88 28.79 -8.95
CA VAL B 237 50.86 29.45 -8.16
C VAL B 237 49.85 30.11 -9.09
N ALA B 238 50.34 30.78 -10.14
CA ALA B 238 49.47 31.47 -11.09
C ALA B 238 48.38 30.54 -11.61
N SER B 239 48.76 29.34 -12.03
CA SER B 239 47.81 28.38 -12.57
C SER B 239 46.90 27.79 -11.50
N LEU B 240 47.41 27.70 -10.28
CA LEU B 240 46.64 27.14 -9.18
C LEU B 240 45.44 28.03 -8.86
N ILE B 241 45.64 29.33 -8.95
CA ILE B 241 44.58 30.27 -8.58
C ILE B 241 43.63 30.64 -9.71
N GLY B 242 43.95 30.23 -10.95
CA GLY B 242 43.09 30.52 -12.09
C GLY B 242 43.71 30.14 -13.42
N GLU B 243 42.94 30.06 -14.49
CA GLU B 243 43.55 29.68 -15.76
C GLU B 243 44.57 30.72 -16.25
N ILE B 244 45.62 30.23 -16.88
CA ILE B 244 46.64 31.11 -17.42
C ILE B 244 47.37 30.47 -18.60
N ASN B 245 47.79 31.33 -19.54
CA ASN B 245 48.61 30.87 -20.64
C ASN B 245 50.06 30.90 -20.17
N GLU B 246 50.78 29.81 -20.41
CA GLU B 246 52.19 29.75 -20.02
C GLU B 246 53.03 29.65 -21.29
N LEU B 247 53.93 30.62 -21.48
CA LEU B 247 54.78 30.63 -22.66
C LEU B 247 56.24 30.65 -22.25
N GLU B 248 57.10 30.21 -23.15
CA GLU B 248 58.54 30.25 -22.91
C GLU B 248 59.20 30.94 -24.10
N GLY B 249 60.11 31.86 -23.82
CA GLY B 249 60.82 32.58 -24.85
C GLY B 249 62.19 33.06 -24.37
N LYS B 250 62.85 33.86 -25.21
CA LYS B 250 64.16 34.38 -24.86
C LYS B 250 64.11 35.85 -24.48
N VAL B 251 64.96 36.24 -23.54
CA VAL B 251 65.00 37.63 -23.09
C VAL B 251 65.93 38.47 -23.96
N THR B 252 65.49 39.67 -24.31
CA THR B 252 66.30 40.60 -25.10
C THR B 252 66.22 42.00 -24.53
N ASN B 253 66.95 42.91 -25.17
CA ASN B 253 67.01 44.30 -24.75
C ASN B 253 65.65 44.86 -24.38
N GLU B 254 64.73 44.87 -25.34
CA GLU B 254 63.40 45.40 -25.11
C GLU B 254 62.28 44.38 -25.09
N GLY B 255 62.38 43.38 -24.21
CA GLY B 255 61.31 42.41 -24.06
C GLY B 255 61.67 40.95 -24.30
N VAL B 256 60.71 40.08 -23.99
CA VAL B 256 60.84 38.64 -24.19
C VAL B 256 60.23 38.25 -25.53
N VAL B 257 61.00 37.54 -26.35
CA VAL B 257 60.56 37.20 -27.69
C VAL B 257 60.11 35.77 -27.83
N ILE B 258 58.89 35.60 -28.34
CA ILE B 258 58.35 34.29 -28.61
C ILE B 258 57.81 34.33 -30.03
N GLY B 259 58.63 33.84 -30.96
CA GLY B 259 58.27 33.91 -32.36
C GLY B 259 58.09 35.36 -32.77
N SER B 260 56.94 35.66 -33.35
CA SER B 260 56.60 37.00 -33.81
C SER B 260 56.05 37.89 -32.69
N LEU B 261 55.94 37.37 -31.47
CA LEU B 261 55.44 38.17 -30.36
C LEU B 261 56.56 38.66 -29.45
N ARG B 262 56.45 39.91 -29.03
CA ARG B 262 57.44 40.50 -28.14
C ARG B 262 56.75 41.11 -26.93
N PHE B 263 57.08 40.58 -25.75
CA PHE B 263 56.50 41.04 -24.49
C PHE B 263 57.42 42.03 -23.77
N PRO B 264 56.94 43.26 -23.62
CA PRO B 264 57.71 44.33 -22.97
C PRO B 264 57.94 44.15 -21.47
N VAL B 265 58.62 43.07 -21.09
CA VAL B 265 58.94 42.82 -19.70
C VAL B 265 60.32 42.20 -19.63
N SER B 266 60.96 42.30 -18.48
CA SER B 266 62.31 41.77 -18.36
C SER B 266 62.55 40.84 -17.20
N VAL B 267 63.64 40.10 -17.28
CA VAL B 267 64.05 39.18 -16.23
C VAL B 267 65.56 38.93 -16.38
N SER B 268 66.24 38.76 -15.26
CA SER B 268 67.68 38.54 -15.29
C SER B 268 68.02 37.07 -15.50
N SER B 269 67.54 36.52 -16.61
CA SER B 269 67.83 35.14 -16.99
C SER B 269 67.82 35.08 -18.51
N ASP B 270 68.59 34.15 -19.09
CA ASP B 270 68.66 34.03 -20.53
C ASP B 270 67.28 33.88 -21.13
N ARG B 271 66.49 33.02 -20.51
CA ARG B 271 65.13 32.77 -20.97
C ARG B 271 64.13 33.18 -19.91
N ALA B 272 62.85 33.14 -20.27
CA ALA B 272 61.79 33.50 -19.35
C ALA B 272 60.48 32.80 -19.67
N ILE B 273 59.71 32.56 -18.64
CA ILE B 273 58.38 32.01 -18.80
C ILE B 273 57.43 33.21 -18.68
N ILE B 274 56.54 33.34 -19.65
CA ILE B 274 55.56 34.42 -19.63
C ILE B 274 54.21 33.85 -19.24
N GLY B 275 53.51 34.54 -18.36
CA GLY B 275 52.16 34.14 -17.97
C GLY B 275 51.18 35.23 -18.34
N ILE B 276 50.17 34.87 -19.12
CA ILE B 276 49.14 35.82 -19.50
C ILE B 276 47.78 35.13 -19.42
N ARG B 277 46.90 35.69 -18.60
CA ARG B 277 45.58 35.13 -18.41
C ARG B 277 44.70 35.39 -19.64
N PRO B 278 43.79 34.46 -19.92
CA PRO B 278 42.90 34.56 -21.09
C PRO B 278 42.17 35.91 -21.16
N GLU B 279 41.69 36.41 -20.03
CA GLU B 279 40.98 37.69 -20.00
C GLU B 279 41.90 38.86 -20.36
N ASP B 280 43.21 38.63 -20.31
CA ASP B 280 44.18 39.70 -20.58
C ASP B 280 44.78 39.64 -21.98
N VAL B 281 44.05 38.99 -22.87
CA VAL B 281 44.44 38.87 -24.26
C VAL B 281 43.28 39.27 -25.14
N LYS B 282 43.55 40.00 -26.22
CA LYS B 282 42.54 40.41 -27.16
C LYS B 282 43.09 40.26 -28.56
N LEU B 283 42.28 39.70 -29.46
CA LEU B 283 42.70 39.51 -30.85
C LEU B 283 41.94 40.48 -31.73
N SER B 284 42.60 41.00 -32.76
CA SER B 284 41.95 41.96 -33.62
C SER B 284 42.48 41.84 -35.03
N LYS B 285 41.69 42.31 -35.99
CA LYS B 285 42.10 42.34 -37.38
C LYS B 285 42.64 43.72 -37.67
N ASP B 286 42.36 44.66 -36.79
CA ASP B 286 42.80 46.03 -36.96
C ASP B 286 43.49 46.52 -35.70
N VAL B 287 44.26 47.61 -35.81
CA VAL B 287 44.93 48.14 -34.65
C VAL B 287 43.89 48.65 -33.65
N ILE B 288 44.25 48.60 -32.38
CA ILE B 288 43.40 49.09 -31.30
C ILE B 288 44.01 50.37 -30.75
N LYS B 289 43.28 51.47 -30.90
CA LYS B 289 43.74 52.78 -30.46
C LYS B 289 43.58 52.99 -28.97
N ASP B 290 43.46 51.89 -28.23
CA ASP B 290 43.30 51.93 -26.78
C ASP B 290 44.67 51.93 -26.10
N ASP B 291 44.84 52.80 -25.12
CA ASP B 291 46.09 52.86 -24.37
C ASP B 291 46.08 51.81 -23.27
N SER B 292 44.98 51.05 -23.21
CA SER B 292 44.83 50.02 -22.21
C SER B 292 45.26 48.66 -22.75
N TRP B 293 45.36 48.55 -24.06
CA TRP B 293 45.78 47.31 -24.70
C TRP B 293 47.11 47.54 -25.42
N ILE B 294 48.03 46.60 -25.27
CA ILE B 294 49.36 46.72 -25.88
C ILE B 294 49.61 45.66 -26.94
N LEU B 295 49.99 46.11 -28.13
CA LEU B 295 50.30 45.21 -29.23
C LEU B 295 51.59 44.43 -28.93
N VAL B 296 51.53 43.10 -29.02
CA VAL B 296 52.75 42.31 -28.83
C VAL B 296 53.23 41.65 -30.12
N GLY B 297 52.40 41.70 -31.16
CA GLY B 297 52.80 41.17 -32.45
C GLY B 297 51.69 40.46 -33.20
N LYS B 298 52.07 39.83 -34.31
CA LYS B 298 51.10 39.10 -35.13
C LYS B 298 51.02 37.67 -34.66
N GLY B 299 49.88 37.05 -34.95
CA GLY B 299 49.66 35.66 -34.62
C GLY B 299 48.70 35.06 -35.64
N LYS B 300 48.45 33.77 -35.49
CA LYS B 300 47.56 33.06 -36.40
C LYS B 300 46.72 32.07 -35.61
N VAL B 301 45.44 32.01 -35.92
CA VAL B 301 44.54 31.10 -35.22
C VAL B 301 44.81 29.66 -35.59
N LYS B 302 44.97 28.84 -34.56
CA LYS B 302 45.23 27.42 -34.77
C LYS B 302 43.97 26.57 -34.70
N VAL B 303 43.14 26.82 -33.69
CA VAL B 303 41.92 26.07 -33.49
C VAL B 303 40.94 26.86 -32.63
N ILE B 304 39.65 26.56 -32.80
CA ILE B 304 38.58 27.22 -32.06
C ILE B 304 37.67 26.20 -31.40
N GLY B 305 37.30 26.46 -30.17
CA GLY B 305 36.39 25.61 -29.43
C GLY B 305 35.23 26.47 -28.99
N TYR B 306 34.23 25.84 -28.37
CA TYR B 306 33.05 26.56 -27.94
C TYR B 306 32.53 25.98 -26.63
N GLN B 307 32.55 26.78 -25.57
CA GLN B 307 32.02 26.33 -24.28
C GLN B 307 31.53 27.48 -23.41
N GLY B 308 30.50 27.21 -22.63
CA GLY B 308 29.92 28.21 -21.74
C GLY B 308 29.34 29.38 -22.51
N GLY B 309 28.91 29.11 -23.74
CA GLY B 309 28.34 30.13 -24.60
C GLY B 309 29.42 30.96 -25.28
N LEU B 310 30.68 30.69 -24.94
CA LEU B 310 31.78 31.46 -25.50
C LEU B 310 32.70 30.64 -26.38
N PHE B 311 33.33 31.31 -27.31
CA PHE B 311 34.33 30.69 -28.15
C PHE B 311 35.66 30.71 -27.44
N ARG B 312 36.40 29.61 -27.55
CA ARG B 312 37.74 29.52 -27.01
C ARG B 312 38.67 29.53 -28.21
N ILE B 313 39.37 30.63 -28.40
CA ILE B 313 40.23 30.80 -29.56
C ILE B 313 41.68 30.57 -29.18
N THR B 314 42.34 29.67 -29.89
CA THR B 314 43.73 29.35 -29.64
C THR B 314 44.59 29.80 -30.81
N ILE B 315 45.65 30.54 -30.50
CA ILE B 315 46.58 30.98 -31.52
C ILE B 315 48.01 30.62 -31.18
N THR B 316 48.89 30.78 -32.16
CA THR B 316 50.32 30.67 -31.93
C THR B 316 50.91 31.91 -32.60
N PRO B 317 52.11 32.28 -32.19
CA PRO B 317 52.85 33.36 -32.83
C PRO B 317 53.11 32.99 -34.28
N LEU B 318 53.39 34.00 -35.12
CA LEU B 318 53.62 33.77 -36.53
C LEU B 318 54.49 32.58 -36.87
N ASP B 319 55.53 32.35 -36.09
CA ASP B 319 56.47 31.26 -36.34
C ASP B 319 56.29 30.08 -35.37
N SER B 320 56.90 30.20 -34.19
CA SER B 320 56.88 29.16 -33.17
C SER B 320 55.55 28.42 -33.03
N GLU B 321 55.48 27.54 -32.04
CA GLU B 321 54.28 26.74 -31.79
C GLU B 321 53.78 26.89 -30.36
N GLU B 322 54.21 27.94 -29.66
CA GLU B 322 53.72 28.16 -28.31
C GLU B 322 52.23 28.48 -28.44
N GLU B 323 51.45 28.11 -27.43
CA GLU B 323 49.99 28.25 -27.45
C GLU B 323 49.49 29.42 -26.61
N ILE B 324 48.48 30.13 -27.11
CA ILE B 324 47.84 31.18 -26.34
C ILE B 324 46.35 31.06 -26.62
N PHE B 325 45.53 30.95 -25.58
CA PHE B 325 44.09 30.92 -25.77
C PHE B 325 43.40 32.07 -25.05
N THR B 326 42.23 32.43 -25.56
CA THR B 326 41.40 33.47 -24.97
C THR B 326 39.95 33.15 -25.30
N TYR B 327 39.03 33.91 -24.70
CA TYR B 327 37.61 33.69 -24.90
C TYR B 327 36.95 34.90 -25.53
N SER B 328 35.96 34.67 -26.36
CA SER B 328 35.27 35.74 -27.08
C SER B 328 33.86 35.35 -27.51
N ASP B 329 32.99 36.35 -27.66
CA ASP B 329 31.63 36.15 -28.12
C ASP B 329 31.58 35.93 -29.63
N HIS B 330 32.67 36.25 -30.32
CA HIS B 330 32.70 36.09 -31.77
C HIS B 330 33.88 35.24 -32.22
N PRO B 331 33.64 34.37 -33.18
CA PRO B 331 34.67 33.45 -33.64
C PRO B 331 35.63 34.05 -34.66
N ILE B 332 36.84 33.52 -34.69
CA ILE B 332 37.77 33.78 -35.72
C ILE B 332 38.30 32.45 -36.09
N HIS B 333 38.38 32.16 -37.37
CA HIS B 333 38.66 30.79 -37.83
C HIS B 333 40.13 30.45 -38.03
N SER B 334 40.43 29.18 -37.93
CA SER B 334 41.80 28.71 -38.05
C SER B 334 42.42 29.22 -39.33
N GLY B 335 43.68 29.57 -39.26
CA GLY B 335 44.39 30.08 -40.43
C GLY B 335 44.41 31.59 -40.51
N GLU B 336 43.45 32.24 -39.86
CA GLU B 336 43.37 33.70 -39.92
C GLU B 336 44.47 34.35 -39.08
N GLU B 337 45.15 35.30 -39.69
CA GLU B 337 46.20 36.04 -39.03
C GLU B 337 45.53 37.12 -38.18
N VAL B 338 46.08 37.37 -37.00
CA VAL B 338 45.50 38.39 -36.13
C VAL B 338 46.57 39.19 -35.41
N LEU B 339 46.18 40.35 -34.93
CA LEU B 339 47.03 41.15 -34.07
C LEU B 339 46.71 40.67 -32.65
N VAL B 340 47.75 40.51 -31.85
CA VAL B 340 47.62 40.06 -30.47
C VAL B 340 47.95 41.16 -29.48
N TYR B 341 46.94 41.55 -28.71
CA TYR B 341 47.06 42.57 -27.70
C TYR B 341 46.95 41.95 -26.32
N VAL B 342 47.56 42.61 -25.33
CA VAL B 342 47.52 42.16 -23.96
C VAL B 342 47.44 43.35 -23.03
N ARG B 343 46.88 43.15 -21.85
CA ARG B 343 46.84 44.19 -20.84
C ARG B 343 48.24 44.31 -20.30
N LYS B 344 48.84 45.50 -20.43
CA LYS B 344 50.23 45.73 -20.04
C LYS B 344 50.59 45.32 -18.60
N ASP B 345 49.84 45.84 -17.64
CA ASP B 345 50.14 45.59 -16.24
C ASP B 345 49.78 44.18 -15.81
N LYS B 346 49.35 43.34 -16.74
CA LYS B 346 48.90 41.99 -16.38
C LYS B 346 49.83 40.88 -16.83
N ILE B 347 50.94 41.26 -17.44
CA ILE B 347 51.92 40.29 -17.90
C ILE B 347 52.76 39.80 -16.74
N LYS B 348 52.78 38.48 -16.55
CA LYS B 348 53.55 37.87 -15.50
C LYS B 348 54.84 37.27 -16.08
N VAL B 349 55.96 37.52 -15.42
CA VAL B 349 57.25 37.06 -15.92
C VAL B 349 58.03 36.33 -14.86
N PHE B 350 58.60 35.19 -15.23
CA PHE B 350 59.41 34.42 -14.30
C PHE B 350 60.69 33.97 -14.97
N GLU B 351 61.76 33.89 -14.19
CA GLU B 351 63.01 33.41 -14.73
C GLU B 351 62.81 31.98 -15.18
N LYS B 352 63.41 31.61 -16.31
CA LYS B 352 63.36 30.25 -16.78
C LYS B 352 64.58 29.51 -16.26
N ASN B 353 64.37 28.70 -15.23
CA ASN B 353 65.45 27.91 -14.67
C ASN B 353 65.30 26.46 -15.05
N MET C 1 -46.88 -21.80 20.98
CA MET C 1 -46.83 -21.58 22.42
C MET C 1 -45.46 -21.97 23.00
N VAL C 2 -44.64 -22.62 22.20
CA VAL C 2 -43.32 -23.03 22.67
C VAL C 2 -42.25 -22.75 21.63
N ARG C 3 -41.13 -22.25 22.11
CA ARG C 3 -39.98 -22.01 21.25
C ARG C 3 -39.09 -23.26 21.21
N ILE C 4 -38.62 -23.62 20.03
CA ILE C 4 -37.77 -24.79 19.90
C ILE C 4 -36.38 -24.38 19.46
N ILE C 5 -35.38 -24.62 20.33
CA ILE C 5 -34.02 -24.29 20.00
C ILE C 5 -33.21 -25.56 19.73
N VAL C 6 -32.77 -25.71 18.49
CA VAL C 6 -31.97 -26.85 18.07
C VAL C 6 -30.52 -26.35 17.95
N LYS C 7 -29.66 -26.87 18.80
CA LYS C 7 -28.28 -26.41 18.88
C LYS C 7 -27.23 -27.49 18.50
N ASN C 8 -26.60 -27.29 17.37
CA ASN C 8 -25.57 -28.24 16.90
C ASN C 8 -25.97 -29.71 16.98
N VAL C 9 -27.18 -30.02 16.54
CA VAL C 9 -27.68 -31.39 16.59
C VAL C 9 -27.23 -32.23 15.40
N SER C 10 -26.65 -33.37 15.72
CA SER C 10 -26.24 -34.38 14.75
C SER C 10 -26.85 -35.70 15.20
N LYS C 11 -27.12 -36.57 14.23
CA LYS C 11 -27.65 -37.89 14.53
C LYS C 11 -26.98 -38.90 13.60
N VAL C 12 -26.43 -39.96 14.17
CA VAL C 12 -25.79 -41.02 13.38
C VAL C 12 -26.46 -42.36 13.56
N PHE C 13 -26.33 -43.21 12.56
CA PHE C 13 -26.82 -44.57 12.59
C PHE C 13 -25.68 -45.48 12.10
N LYS C 14 -25.91 -46.78 12.10
CA LYS C 14 -24.91 -47.76 11.64
C LYS C 14 -23.55 -47.52 12.26
N LYS C 15 -23.55 -47.31 13.57
CA LYS C 15 -22.34 -47.15 14.35
C LYS C 15 -21.47 -46.01 13.88
N GLY C 16 -22.09 -44.98 13.32
CA GLY C 16 -21.38 -43.79 12.85
C GLY C 16 -21.25 -43.69 11.34
N LYS C 17 -21.53 -44.76 10.63
CA LYS C 17 -21.35 -44.75 9.18
C LYS C 17 -22.33 -43.86 8.43
N VAL C 18 -23.53 -43.75 8.96
CA VAL C 18 -24.57 -42.95 8.35
C VAL C 18 -24.82 -41.71 9.19
N VAL C 19 -24.64 -40.54 8.60
CA VAL C 19 -24.90 -39.29 9.31
C VAL C 19 -26.23 -38.74 8.81
N ALA C 20 -27.27 -39.00 9.57
CA ALA C 20 -28.63 -38.61 9.19
C ALA C 20 -28.87 -37.11 9.32
N LEU C 21 -28.28 -36.50 10.33
CA LEU C 21 -28.36 -35.06 10.56
C LEU C 21 -26.97 -34.58 10.98
N ASP C 22 -26.50 -33.48 10.41
CA ASP C 22 -25.15 -33.01 10.67
C ASP C 22 -25.12 -31.53 11.08
N ASN C 23 -24.88 -31.31 12.37
CA ASN C 23 -24.75 -29.99 12.96
C ASN C 23 -25.87 -29.03 12.62
N VAL C 24 -27.10 -29.45 12.92
CA VAL C 24 -28.27 -28.65 12.59
C VAL C 24 -28.52 -27.57 13.64
N ASN C 25 -28.67 -26.35 13.16
CA ASN C 25 -29.00 -25.23 14.06
C ASN C 25 -30.22 -24.52 13.55
N ILE C 26 -31.22 -24.42 14.41
CA ILE C 26 -32.42 -23.69 14.07
C ILE C 26 -33.10 -23.26 15.35
N ASN C 27 -33.70 -22.08 15.31
CA ASN C 27 -34.48 -21.55 16.42
C ASN C 27 -35.90 -21.30 15.91
N ILE C 28 -36.84 -22.17 16.28
CA ILE C 28 -38.25 -22.02 15.84
C ILE C 28 -39.04 -21.24 16.89
N GLU C 29 -39.71 -20.19 16.44
CA GLU C 29 -40.36 -19.29 17.37
C GLU C 29 -41.67 -19.83 17.90
N ASN C 30 -42.04 -19.38 19.10
CA ASN C 30 -43.29 -19.81 19.69
C ASN C 30 -44.50 -19.38 18.85
N GLY C 31 -45.33 -20.36 18.49
CA GLY C 31 -46.51 -20.12 17.68
C GLY C 31 -46.23 -19.97 16.19
N GLU C 32 -44.99 -20.24 15.79
CA GLU C 32 -44.60 -20.13 14.38
C GLU C 32 -45.02 -21.33 13.55
N ARG C 33 -45.34 -21.09 12.28
CA ARG C 33 -45.59 -22.16 11.32
C ARG C 33 -44.26 -22.37 10.57
N PHE C 34 -43.57 -23.46 10.88
CA PHE C 34 -42.26 -23.70 10.31
C PHE C 34 -42.25 -24.98 9.50
N GLY C 35 -41.68 -24.90 8.31
CA GLY C 35 -41.64 -26.04 7.42
C GLY C 35 -40.24 -26.51 7.12
N ILE C 36 -40.09 -27.81 6.90
CA ILE C 36 -38.82 -28.37 6.47
C ILE C 36 -39.03 -29.09 5.14
N LEU C 37 -38.30 -28.65 4.14
CA LEU C 37 -38.37 -29.23 2.80
C LEU C 37 -37.07 -29.96 2.50
N GLY C 38 -37.18 -31.16 1.94
CA GLY C 38 -36.00 -31.90 1.55
C GLY C 38 -36.38 -33.19 0.85
N PRO C 39 -35.48 -33.70 0.01
CA PRO C 39 -35.75 -34.92 -0.74
C PRO C 39 -35.78 -36.15 0.17
N SER C 40 -36.20 -37.28 -0.39
CA SER C 40 -36.18 -38.52 0.34
C SER C 40 -34.78 -38.81 0.85
N GLY C 41 -34.68 -39.13 2.14
CA GLY C 41 -33.41 -39.45 2.76
C GLY C 41 -32.65 -38.28 3.37
N ALA C 42 -33.18 -37.07 3.27
CA ALA C 42 -32.50 -35.88 3.78
C ALA C 42 -32.37 -35.85 5.31
N GLY C 43 -33.27 -36.53 6.00
CA GLY C 43 -33.25 -36.56 7.45
C GLY C 43 -34.47 -35.96 8.11
N LYS C 44 -35.51 -35.74 7.33
CA LYS C 44 -36.74 -35.09 7.83
C LYS C 44 -37.39 -35.78 9.02
N THR C 45 -37.70 -37.08 8.86
CA THR C 45 -38.31 -37.85 9.92
C THR C 45 -37.38 -38.02 11.10
N THR C 46 -36.08 -38.17 10.83
CA THR C 46 -35.15 -38.26 11.94
C THR C 46 -35.25 -36.98 12.77
N PHE C 47 -35.31 -35.84 12.10
CA PHE C 47 -35.37 -34.57 12.77
C PHE C 47 -36.67 -34.48 13.59
N MET C 48 -37.78 -34.85 12.99
CA MET C 48 -39.06 -34.79 13.67
C MET C 48 -39.14 -35.72 14.90
N ARG C 49 -38.50 -36.88 14.81
CA ARG C 49 -38.48 -37.84 15.91
C ARG C 49 -37.63 -37.31 17.06
N ILE C 50 -36.57 -36.58 16.74
CA ILE C 50 -35.78 -35.94 17.81
C ILE C 50 -36.60 -34.82 18.48
N ILE C 51 -37.35 -34.05 17.69
CA ILE C 51 -38.20 -33.01 18.29
C ILE C 51 -39.25 -33.67 19.17
N ALA C 52 -39.86 -34.74 18.69
CA ALA C 52 -40.91 -35.41 19.45
C ALA C 52 -40.37 -36.09 20.73
N GLY C 53 -39.09 -36.42 20.75
CA GLY C 53 -38.53 -37.12 21.90
C GLY C 53 -38.50 -38.63 21.70
N LEU C 54 -38.85 -39.07 20.49
CA LEU C 54 -38.80 -40.50 20.16
C LEU C 54 -37.36 -40.96 19.91
N ASP C 55 -36.47 -40.01 19.67
CA ASP C 55 -35.07 -40.25 19.48
C ASP C 55 -34.38 -39.07 20.10
N VAL C 56 -33.05 -39.15 20.24
CA VAL C 56 -32.25 -38.07 20.80
C VAL C 56 -31.08 -37.74 19.88
N PRO C 57 -30.55 -36.54 19.99
CA PRO C 57 -29.37 -36.16 19.22
C PRO C 57 -28.20 -37.03 19.64
N SER C 58 -27.36 -37.41 18.69
CA SER C 58 -26.14 -38.14 19.02
C SER C 58 -25.21 -37.14 19.71
N THR C 59 -25.10 -35.96 19.12
CA THR C 59 -24.36 -34.85 19.70
C THR C 59 -25.24 -33.62 19.58
N GLY C 60 -25.05 -32.66 20.48
CA GLY C 60 -25.83 -31.44 20.43
C GLY C 60 -26.97 -31.41 21.43
N GLU C 61 -27.71 -30.29 21.44
CA GLU C 61 -28.74 -30.07 22.45
C GLU C 61 -30.05 -29.54 21.86
N LEU C 62 -31.13 -29.84 22.56
CA LEU C 62 -32.47 -29.42 22.19
C LEU C 62 -33.17 -28.79 23.39
N TYR C 63 -33.66 -27.57 23.20
CA TYR C 63 -34.40 -26.85 24.25
C TYR C 63 -35.82 -26.51 23.77
N PHE C 64 -36.77 -26.61 24.70
CA PHE C 64 -38.10 -26.13 24.58
C PHE C 64 -38.17 -24.94 25.47
N ASP C 65 -38.36 -23.74 24.90
CA ASP C 65 -38.17 -22.51 25.68
C ASP C 65 -36.79 -22.58 26.36
N ASP C 66 -36.72 -22.40 27.66
CA ASP C 66 -35.42 -22.47 28.35
C ASP C 66 -35.19 -23.84 28.99
N ARG C 67 -36.02 -24.80 28.63
CA ARG C 67 -35.92 -26.14 29.18
C ARG C 67 -35.09 -27.09 28.31
N LEU C 68 -34.00 -27.60 28.87
CA LEU C 68 -33.21 -28.59 28.15
C LEU C 68 -34.02 -29.89 28.06
N VAL C 69 -34.22 -30.43 26.87
CA VAL C 69 -34.99 -31.68 26.76
C VAL C 69 -34.19 -32.88 26.25
N ALA C 70 -33.06 -32.63 25.59
CA ALA C 70 -32.19 -33.72 25.14
C ALA C 70 -30.81 -33.17 24.93
N SER C 71 -29.79 -34.01 25.17
CA SER C 71 -28.42 -33.55 25.13
C SER C 71 -27.44 -34.70 24.95
N ASN C 72 -26.71 -34.64 23.84
CA ASN C 72 -25.62 -35.56 23.53
C ASN C 72 -25.89 -36.99 23.94
N GLY C 73 -26.91 -37.58 23.33
CA GLY C 73 -27.26 -38.97 23.56
C GLY C 73 -28.17 -39.21 24.73
N LYS C 74 -28.50 -38.16 25.47
CA LYS C 74 -29.31 -38.32 26.68
C LYS C 74 -30.67 -37.63 26.59
N LEU C 75 -31.71 -38.37 26.94
CA LEU C 75 -33.05 -37.84 26.96
C LEU C 75 -33.24 -37.18 28.34
N ILE C 76 -33.48 -35.87 28.37
CA ILE C 76 -33.64 -35.14 29.63
C ILE C 76 -35.11 -35.01 30.00
N VAL C 77 -35.94 -34.71 29.01
CA VAL C 77 -37.38 -34.64 29.19
C VAL C 77 -37.99 -35.60 28.17
N PRO C 78 -38.60 -36.67 28.65
CA PRO C 78 -39.22 -37.69 27.78
C PRO C 78 -40.43 -37.14 27.01
N PRO C 79 -40.80 -37.83 25.95
CA PRO C 79 -41.88 -37.37 25.06
C PRO C 79 -43.19 -37.18 25.82
N GLU C 80 -43.47 -38.05 26.79
CA GLU C 80 -44.71 -37.93 27.57
C GLU C 80 -44.77 -36.62 28.34
N ASP C 81 -43.63 -36.00 28.59
CA ASP C 81 -43.59 -34.79 29.38
C ASP C 81 -43.43 -33.57 28.49
N ARG C 82 -43.38 -33.81 27.19
CA ARG C 82 -43.36 -32.73 26.23
C ARG C 82 -44.81 -32.61 25.77
N LYS C 83 -45.28 -31.39 25.66
CA LYS C 83 -46.66 -31.16 25.29
C LYS C 83 -46.71 -31.08 23.75
N ILE C 84 -46.55 -32.25 23.14
CA ILE C 84 -46.50 -32.39 21.69
C ILE C 84 -47.60 -33.31 21.18
N GLY C 85 -48.16 -32.93 20.03
CA GLY C 85 -49.11 -33.75 19.29
C GLY C 85 -48.44 -34.11 17.99
N MET C 86 -48.64 -35.32 17.49
CA MET C 86 -47.99 -35.70 16.25
C MET C 86 -48.90 -36.47 15.30
N VAL C 87 -48.70 -36.21 14.01
CA VAL C 87 -49.37 -36.98 12.94
C VAL C 87 -48.21 -37.42 12.05
N PHE C 88 -47.83 -38.69 12.11
CA PHE C 88 -46.63 -39.08 11.36
C PHE C 88 -46.88 -39.69 10.00
N GLN C 89 -45.80 -39.88 9.22
CA GLN C 89 -45.91 -40.38 7.86
C GLN C 89 -46.85 -41.58 7.81
N THR C 90 -46.72 -42.46 8.79
CA THR C 90 -47.45 -43.72 8.79
C THR C 90 -48.54 -43.76 9.83
N TRP C 91 -49.21 -42.63 10.04
CA TRP C 91 -50.31 -42.58 10.99
C TRP C 91 -51.38 -43.56 10.56
N ALA C 92 -52.11 -44.06 11.54
CA ALA C 92 -53.20 -44.98 11.28
C ALA C 92 -54.19 -44.90 12.42
N LEU C 93 -55.47 -44.88 12.10
CA LEU C 93 -56.49 -44.89 13.13
C LEU C 93 -56.65 -46.36 13.51
N TYR C 94 -57.02 -46.62 14.75
CA TYR C 94 -57.34 -48.01 15.13
C TYR C 94 -58.68 -48.35 14.47
N PRO C 95 -58.67 -49.32 13.56
CA PRO C 95 -59.86 -49.66 12.78
C PRO C 95 -61.01 -50.22 13.61
N ASN C 96 -60.69 -50.80 14.76
CA ASN C 96 -61.70 -51.42 15.61
C ASN C 96 -62.19 -50.53 16.76
N LEU C 97 -61.84 -49.25 16.68
CA LEU C 97 -62.30 -48.27 17.66
C LEU C 97 -63.08 -47.19 16.92
N THR C 98 -64.16 -46.69 17.52
CA THR C 98 -64.88 -45.59 16.90
C THR C 98 -63.99 -44.36 16.93
N ALA C 99 -64.45 -43.29 16.27
CA ALA C 99 -63.74 -42.01 16.24
C ALA C 99 -63.51 -41.50 17.66
N PHE C 100 -64.55 -41.59 18.49
CA PHE C 100 -64.46 -41.19 19.89
C PHE C 100 -63.36 -41.97 20.60
N GLU C 101 -63.39 -43.29 20.50
CA GLU C 101 -62.41 -44.12 21.19
C GLU C 101 -60.98 -43.86 20.68
N ASN C 102 -60.85 -43.57 19.39
CA ASN C 102 -59.57 -43.24 18.81
C ASN C 102 -59.03 -41.94 19.38
N ILE C 103 -59.90 -40.95 19.51
CA ILE C 103 -59.49 -39.66 20.06
C ILE C 103 -59.26 -39.74 21.57
N ALA C 104 -60.03 -40.57 22.27
CA ALA C 104 -59.88 -40.70 23.73
C ALA C 104 -58.63 -41.49 24.13
N PHE C 105 -58.13 -42.30 23.22
CA PHE C 105 -57.07 -43.24 23.54
C PHE C 105 -55.88 -42.63 24.31
N PRO C 106 -55.32 -41.53 23.82
CA PRO C 106 -54.18 -40.91 24.49
C PRO C 106 -54.50 -40.47 25.92
N LEU C 107 -55.78 -40.34 26.27
CA LEU C 107 -56.15 -39.88 27.61
C LEU C 107 -56.29 -41.01 28.63
N THR C 108 -56.08 -42.24 28.21
CA THR C 108 -56.29 -43.42 29.05
C THR C 108 -55.64 -43.41 30.45
N ASN C 109 -54.40 -42.97 30.52
CA ASN C 109 -53.66 -42.92 31.77
C ASN C 109 -53.23 -41.50 32.11
N MET C 110 -54.09 -40.52 31.82
CA MET C 110 -53.79 -39.12 32.10
C MET C 110 -54.53 -38.65 33.35
N LYS C 111 -54.99 -39.60 34.15
CA LYS C 111 -55.62 -39.26 35.42
C LYS C 111 -56.88 -38.42 35.28
N MET C 112 -57.66 -38.70 34.24
CA MET C 112 -58.92 -38.03 34.03
C MET C 112 -60.06 -39.03 34.10
N SER C 113 -61.14 -38.61 34.75
CA SER C 113 -62.34 -39.41 34.92
C SER C 113 -63.06 -39.59 33.59
N LYS C 114 -64.04 -40.49 33.58
CA LYS C 114 -64.79 -40.78 32.39
C LYS C 114 -65.40 -39.48 31.83
N GLU C 115 -66.00 -38.70 32.73
CA GLU C 115 -66.62 -37.42 32.38
C GLU C 115 -65.65 -36.46 31.76
N GLU C 116 -64.50 -36.29 32.42
CA GLU C 116 -63.46 -35.39 31.92
C GLU C 116 -62.98 -35.79 30.52
N ILE C 117 -62.85 -37.09 30.29
CA ILE C 117 -62.37 -37.57 29.02
C ILE C 117 -63.41 -37.23 27.94
N ARG C 118 -64.66 -37.53 28.23
CA ARG C 118 -65.73 -37.24 27.27
C ARG C 118 -65.78 -35.75 26.93
N LYS C 119 -65.69 -34.90 27.95
CA LYS C 119 -65.74 -33.47 27.72
C LYS C 119 -64.62 -33.02 26.80
N ARG C 120 -63.42 -33.51 27.05
CA ARG C 120 -62.24 -33.17 26.25
C ARG C 120 -62.34 -33.64 24.79
N VAL C 121 -62.75 -34.90 24.60
CA VAL C 121 -62.88 -35.46 23.26
C VAL C 121 -63.92 -34.68 22.47
N GLU C 122 -65.06 -34.37 23.09
CA GLU C 122 -66.10 -33.62 22.38
C GLU C 122 -65.68 -32.20 22.08
N GLU C 123 -64.98 -31.56 23.01
CA GLU C 123 -64.48 -30.21 22.75
C GLU C 123 -63.57 -30.22 21.50
N VAL C 124 -62.60 -31.14 21.44
CA VAL C 124 -61.69 -31.18 20.31
C VAL C 124 -62.42 -31.63 19.03
N ALA C 125 -63.38 -32.52 19.17
CA ALA C 125 -64.18 -32.98 18.03
C ALA C 125 -64.97 -31.82 17.39
N LYS C 126 -65.50 -30.93 18.22
CA LYS C 126 -66.20 -29.76 17.71
C LYS C 126 -65.23 -28.84 16.95
N ILE C 127 -64.06 -28.60 17.51
CA ILE C 127 -63.05 -27.77 16.84
C ILE C 127 -62.72 -28.34 15.47
N LEU C 128 -62.58 -29.66 15.38
CA LEU C 128 -62.29 -30.31 14.11
C LEU C 128 -63.56 -30.63 13.29
N ASP C 129 -64.72 -30.28 13.82
CA ASP C 129 -66.01 -30.47 13.14
C ASP C 129 -66.25 -31.91 12.72
N ILE C 130 -65.98 -32.84 13.63
CA ILE C 130 -66.32 -34.25 13.43
C ILE C 130 -67.06 -34.74 14.65
N HIS C 131 -67.63 -33.80 15.40
CA HIS C 131 -68.40 -34.14 16.59
C HIS C 131 -69.56 -35.06 16.21
N HIS C 132 -70.09 -34.84 15.01
CA HIS C 132 -71.25 -35.58 14.54
C HIS C 132 -70.98 -36.98 14.00
N VAL C 133 -69.73 -37.41 13.95
CA VAL C 133 -69.42 -38.75 13.48
C VAL C 133 -68.56 -39.49 14.49
N LEU C 134 -68.63 -39.06 15.74
CA LEU C 134 -67.83 -39.64 16.79
C LEU C 134 -68.13 -41.11 16.98
N ASN C 135 -69.33 -41.51 16.57
CA ASN C 135 -69.81 -42.88 16.70
C ASN C 135 -69.36 -43.80 15.57
N HIS C 136 -68.84 -43.21 14.51
CA HIS C 136 -68.42 -43.98 13.33
C HIS C 136 -67.07 -44.68 13.53
N PHE C 137 -66.91 -45.85 12.91
CA PHE C 137 -65.62 -46.50 12.86
C PHE C 137 -64.90 -45.83 11.69
N PRO C 138 -63.58 -45.84 11.70
CA PRO C 138 -62.79 -45.16 10.66
C PRO C 138 -63.18 -45.50 9.22
N ARG C 139 -63.58 -46.73 8.96
CA ARG C 139 -63.92 -47.15 7.61
C ARG C 139 -65.19 -46.45 7.10
N GLU C 140 -66.07 -46.05 7.99
CA GLU C 140 -67.28 -45.36 7.57
C GLU C 140 -67.04 -43.86 7.44
N LEU C 141 -65.83 -43.43 7.69
CA LEU C 141 -65.52 -42.01 7.58
C LEU C 141 -64.93 -41.72 6.21
N SER C 142 -65.13 -40.49 5.75
CA SER C 142 -64.53 -40.02 4.51
C SER C 142 -63.05 -39.71 4.76
N GLY C 143 -62.29 -39.53 3.70
CA GLY C 143 -60.87 -39.20 3.82
C GLY C 143 -60.64 -37.97 4.68
N GLY C 144 -61.44 -36.94 4.44
CA GLY C 144 -61.32 -35.70 5.18
C GLY C 144 -61.63 -35.88 6.66
N GLN C 145 -62.61 -36.73 6.94
CA GLN C 145 -63.01 -37.02 8.30
C GLN C 145 -61.93 -37.81 9.02
N GLN C 146 -61.29 -38.71 8.30
CA GLN C 146 -60.20 -39.49 8.87
C GLN C 146 -59.04 -38.57 9.28
N GLN C 147 -58.69 -37.60 8.43
CA GLN C 147 -57.61 -36.65 8.75
C GLN C 147 -58.02 -35.83 9.94
N ARG C 148 -59.30 -35.47 9.98
CA ARG C 148 -59.79 -34.67 11.08
C ARG C 148 -59.70 -35.49 12.39
N VAL C 149 -60.01 -36.78 12.33
CA VAL C 149 -59.93 -37.62 13.52
C VAL C 149 -58.48 -37.76 13.99
N ALA C 150 -57.58 -37.95 13.04
CA ALA C 150 -56.16 -38.02 13.35
C ALA C 150 -55.65 -36.72 14.01
N LEU C 151 -56.09 -35.58 13.50
CA LEU C 151 -55.69 -34.30 14.10
C LEU C 151 -56.27 -34.14 15.50
N ALA C 152 -57.54 -34.51 15.66
CA ALA C 152 -58.19 -34.44 16.95
C ALA C 152 -57.41 -35.26 17.98
N ARG C 153 -57.03 -36.46 17.59
CA ARG C 153 -56.26 -37.32 18.46
C ARG C 153 -54.91 -36.72 18.86
N ALA C 154 -54.28 -36.01 17.92
CA ALA C 154 -53.00 -35.39 18.18
C ALA C 154 -53.17 -34.14 19.06
N LEU C 155 -54.37 -33.61 19.10
CA LEU C 155 -54.57 -32.37 19.87
C LEU C 155 -55.34 -32.58 21.19
N VAL C 156 -55.68 -33.82 21.51
CA VAL C 156 -56.54 -34.07 22.67
C VAL C 156 -55.91 -33.79 24.03
N LYS C 157 -54.59 -33.87 24.14
CA LYS C 157 -53.90 -33.55 25.38
C LYS C 157 -53.48 -32.08 25.48
N ASP C 158 -54.06 -31.22 24.63
CA ASP C 158 -53.77 -29.79 24.68
C ASP C 158 -52.29 -29.45 24.55
N PRO C 159 -51.67 -29.88 23.46
CA PRO C 159 -50.23 -29.65 23.29
C PRO C 159 -49.88 -28.22 22.94
N SER C 160 -48.61 -27.87 23.06
CA SER C 160 -48.11 -26.58 22.68
C SER C 160 -47.46 -26.63 21.28
N LEU C 161 -47.19 -27.85 20.81
CA LEU C 161 -46.49 -28.09 19.57
C LEU C 161 -47.15 -29.23 18.79
N LEU C 162 -47.34 -29.01 17.50
CA LEU C 162 -47.92 -30.00 16.62
C LEU C 162 -46.93 -30.31 15.52
N LEU C 163 -46.64 -31.58 15.35
CA LEU C 163 -45.69 -32.07 14.37
C LEU C 163 -46.42 -32.88 13.30
N LEU C 164 -46.25 -32.47 12.05
CA LEU C 164 -46.87 -33.16 10.92
C LEU C 164 -45.75 -33.62 9.99
N ASP C 165 -45.61 -34.92 9.83
CA ASP C 165 -44.60 -35.48 8.96
C ASP C 165 -45.24 -36.03 7.66
N GLU C 166 -45.12 -35.26 6.59
CA GLU C 166 -45.68 -35.58 5.28
C GLU C 166 -47.13 -35.99 5.39
N PRO C 167 -47.94 -35.09 5.90
CA PRO C 167 -49.37 -35.31 6.14
C PRO C 167 -50.25 -35.35 4.90
N PHE C 168 -49.85 -34.68 3.83
CA PHE C 168 -50.72 -34.56 2.66
C PHE C 168 -50.39 -35.52 1.52
N SER C 169 -49.55 -36.51 1.81
CA SER C 169 -49.11 -37.47 0.81
C SER C 169 -50.15 -38.52 0.42
N ASN C 170 -51.12 -38.76 1.31
CA ASN C 170 -52.14 -39.76 1.06
C ASN C 170 -53.41 -39.14 0.50
N LEU C 171 -53.25 -38.13 -0.35
CA LEU C 171 -54.38 -37.45 -0.96
C LEU C 171 -53.94 -36.79 -2.24
N ASP C 172 -54.89 -36.30 -3.02
CA ASP C 172 -54.57 -35.63 -4.28
C ASP C 172 -55.63 -34.68 -4.79
N ALA C 173 -55.20 -33.48 -5.16
CA ALA C 173 -56.09 -32.50 -5.77
C ALA C 173 -56.83 -31.57 -4.81
N ARG C 174 -58.16 -31.61 -4.89
CA ARG C 174 -59.02 -30.75 -4.11
C ARG C 174 -58.95 -31.04 -2.62
N MET C 175 -58.56 -32.26 -2.28
CA MET C 175 -58.52 -32.63 -0.87
C MET C 175 -57.27 -32.05 -0.22
N ARG C 176 -56.14 -32.08 -0.92
CA ARG C 176 -54.90 -31.52 -0.37
C ARG C 176 -55.12 -30.06 -0.04
N ASP C 177 -55.78 -29.35 -0.95
CA ASP C 177 -56.11 -27.96 -0.74
C ASP C 177 -56.86 -27.77 0.56
N SER C 178 -57.88 -28.60 0.76
CA SER C 178 -58.69 -28.50 1.96
C SER C 178 -57.89 -28.88 3.20
N ALA C 179 -57.06 -29.92 3.05
CA ALA C 179 -56.24 -30.39 4.17
C ALA C 179 -55.25 -29.32 4.62
N ARG C 180 -54.64 -28.63 3.66
CA ARG C 180 -53.73 -27.55 4.00
C ARG C 180 -54.46 -26.43 4.73
N ALA C 181 -55.66 -26.10 4.25
CA ALA C 181 -56.45 -25.04 4.87
C ALA C 181 -56.81 -25.40 6.32
N LEU C 182 -57.17 -26.65 6.53
CA LEU C 182 -57.55 -27.12 7.86
C LEU C 182 -56.40 -26.98 8.83
N VAL C 183 -55.21 -27.40 8.42
CA VAL C 183 -54.04 -27.30 9.31
C VAL C 183 -53.80 -25.85 9.74
N LYS C 184 -53.89 -24.93 8.81
CA LYS C 184 -53.74 -23.52 9.16
C LYS C 184 -54.82 -23.05 10.12
N GLU C 185 -56.07 -23.42 9.84
CA GLU C 185 -57.18 -23.03 10.69
C GLU C 185 -57.01 -23.58 12.11
N VAL C 186 -56.60 -24.83 12.23
CA VAL C 186 -56.38 -25.40 13.55
C VAL C 186 -55.23 -24.75 14.32
N GLN C 187 -54.14 -24.42 13.62
CA GLN C 187 -52.98 -23.76 14.27
C GLN C 187 -53.40 -22.40 14.84
N SER C 188 -54.24 -21.67 14.11
CA SER C 188 -54.75 -20.38 14.59
C SER C 188 -55.67 -20.57 15.79
N ARG C 189 -56.58 -21.53 15.69
CA ARG C 189 -57.55 -21.76 16.77
C ARG C 189 -56.88 -22.12 18.09
N LEU C 190 -55.74 -22.81 18.04
CA LEU C 190 -55.09 -23.26 19.27
C LEU C 190 -53.79 -22.53 19.64
N GLY C 191 -53.18 -21.86 18.69
CA GLY C 191 -51.94 -21.12 18.93
C GLY C 191 -50.66 -21.96 19.05
N VAL C 192 -50.73 -23.21 18.64
CA VAL C 192 -49.57 -24.10 18.75
C VAL C 192 -48.44 -23.73 17.81
N THR C 193 -47.23 -24.06 18.23
CA THR C 193 -46.11 -24.04 17.32
C THR C 193 -46.35 -25.19 16.36
N LEU C 194 -46.02 -25.00 15.09
CA LEU C 194 -46.30 -26.03 14.10
C LEU C 194 -45.05 -26.33 13.26
N LEU C 195 -44.73 -27.60 13.17
CA LEU C 195 -43.60 -28.03 12.36
C LEU C 195 -44.15 -29.01 11.35
N VAL C 196 -43.99 -28.66 10.08
CA VAL C 196 -44.42 -29.57 9.01
C VAL C 196 -43.22 -29.95 8.13
N VAL C 197 -43.06 -31.24 7.86
CA VAL C 197 -41.93 -31.67 7.03
C VAL C 197 -42.47 -32.36 5.82
N SER C 198 -41.76 -32.20 4.70
CA SER C 198 -42.21 -32.79 3.45
C SER C 198 -41.17 -32.68 2.35
N HIS C 199 -41.35 -33.49 1.32
CA HIS C 199 -40.49 -33.39 0.16
C HIS C 199 -41.25 -32.60 -0.92
N ASP C 200 -42.43 -32.11 -0.57
CA ASP C 200 -43.29 -31.42 -1.54
C ASP C 200 -43.38 -29.91 -1.29
N PRO C 201 -42.82 -29.12 -2.20
CA PRO C 201 -42.77 -27.65 -2.08
C PRO C 201 -44.14 -26.99 -1.95
N ALA C 202 -45.14 -27.57 -2.60
CA ALA C 202 -46.49 -27.01 -2.55
C ALA C 202 -46.99 -27.07 -1.11
N ASP C 203 -46.80 -28.20 -0.45
CA ASP C 203 -47.25 -28.34 0.93
C ASP C 203 -46.62 -27.26 1.79
N ILE C 204 -45.34 -26.96 1.52
CA ILE C 204 -44.58 -25.99 2.30
C ILE C 204 -45.02 -24.56 2.13
N PHE C 205 -45.13 -24.13 0.87
CA PHE C 205 -45.58 -22.78 0.54
C PHE C 205 -47.00 -22.52 1.05
N ALA C 206 -47.77 -23.59 1.19
CA ALA C 206 -49.16 -23.45 1.61
C ALA C 206 -49.29 -23.14 3.09
N ILE C 207 -48.37 -23.68 3.88
CA ILE C 207 -48.53 -23.60 5.34
C ILE C 207 -47.49 -22.80 6.09
N ALA C 208 -46.24 -22.83 5.63
CA ALA C 208 -45.14 -22.26 6.39
C ALA C 208 -44.87 -20.76 6.22
N ASP C 209 -44.51 -20.11 7.32
CA ASP C 209 -44.11 -18.72 7.27
C ASP C 209 -42.58 -18.64 7.18
N ARG C 210 -41.90 -19.70 7.57
CA ARG C 210 -40.45 -19.80 7.43
C ARG C 210 -40.11 -21.26 7.14
N VAL C 211 -39.05 -21.49 6.36
CA VAL C 211 -38.73 -22.83 5.94
C VAL C 211 -37.26 -23.09 5.95
N GLY C 212 -36.92 -24.33 6.30
CA GLY C 212 -35.56 -24.82 6.24
C GLY C 212 -35.46 -25.90 5.19
N VAL C 213 -34.38 -25.88 4.41
CA VAL C 213 -34.15 -26.88 3.39
C VAL C 213 -33.05 -27.80 3.88
N LEU C 214 -33.39 -29.08 3.94
CA LEU C 214 -32.52 -30.13 4.43
C LEU C 214 -32.02 -30.96 3.25
N VAL C 215 -30.72 -31.11 3.13
CA VAL C 215 -30.15 -31.90 2.05
C VAL C 215 -29.05 -32.77 2.63
N LYS C 216 -29.24 -34.08 2.53
CA LYS C 216 -28.26 -35.03 3.03
C LYS C 216 -27.81 -34.70 4.47
N GLY C 217 -28.77 -34.41 5.33
CA GLY C 217 -28.51 -34.16 6.75
C GLY C 217 -28.14 -32.75 7.13
N LYS C 218 -27.91 -31.91 6.15
CA LYS C 218 -27.50 -30.53 6.42
C LYS C 218 -28.60 -29.54 6.13
N LEU C 219 -28.80 -28.61 7.05
CA LEU C 219 -29.76 -27.54 6.85
C LEU C 219 -29.03 -26.48 6.07
N VAL C 220 -29.26 -26.47 4.77
CA VAL C 220 -28.48 -25.61 3.87
C VAL C 220 -28.97 -24.16 3.78
N GLN C 221 -30.23 -23.92 4.08
CA GLN C 221 -30.73 -22.56 4.03
C GLN C 221 -32.03 -22.48 4.82
N VAL C 222 -32.22 -21.35 5.49
CA VAL C 222 -33.45 -21.07 6.23
C VAL C 222 -33.92 -19.65 5.88
N GLY C 223 -35.21 -19.49 5.68
CA GLY C 223 -35.75 -18.17 5.37
C GLY C 223 -37.22 -18.21 5.05
N LYS C 224 -37.78 -17.04 4.78
CA LYS C 224 -39.14 -16.97 4.27
C LYS C 224 -39.17 -17.68 2.92
N PRO C 225 -40.27 -18.32 2.59
CA PRO C 225 -40.41 -19.01 1.31
C PRO C 225 -39.99 -18.15 0.12
N GLU C 226 -40.45 -16.91 0.08
CA GLU C 226 -40.10 -16.00 -1.01
C GLU C 226 -38.59 -15.78 -1.09
N ASP C 227 -37.95 -15.77 0.06
CA ASP C 227 -36.51 -15.55 0.12
C ASP C 227 -35.74 -16.73 -0.44
N LEU C 228 -36.20 -17.93 -0.13
CA LEU C 228 -35.60 -19.14 -0.70
C LEU C 228 -35.84 -19.18 -2.21
N TYR C 229 -37.05 -18.83 -2.62
CA TYR C 229 -37.43 -18.88 -4.04
C TYR C 229 -36.59 -17.92 -4.91
N ASP C 230 -36.45 -16.69 -4.44
CA ASP C 230 -35.71 -15.67 -5.18
C ASP C 230 -34.22 -15.61 -4.89
N ASN C 231 -33.81 -15.99 -3.68
CA ASN C 231 -32.41 -15.94 -3.30
C ASN C 231 -31.85 -17.27 -2.82
N PRO C 232 -31.99 -18.31 -3.62
CA PRO C 232 -31.49 -19.64 -3.24
C PRO C 232 -29.96 -19.64 -3.16
N VAL C 233 -29.41 -20.34 -2.17
CA VAL C 233 -27.98 -20.36 -1.95
C VAL C 233 -27.27 -21.23 -2.95
N SER C 234 -28.02 -22.09 -3.63
CA SER C 234 -27.46 -23.03 -4.59
C SER C 234 -28.50 -23.41 -5.64
N ILE C 235 -28.04 -23.98 -6.76
CA ILE C 235 -28.96 -24.40 -7.79
C ILE C 235 -29.79 -25.57 -7.29
N GLN C 236 -29.24 -26.39 -6.39
CA GLN C 236 -30.03 -27.49 -5.84
C GLN C 236 -31.20 -26.94 -5.02
N VAL C 237 -30.94 -25.97 -4.16
CA VAL C 237 -32.02 -25.35 -3.41
C VAL C 237 -33.01 -24.70 -4.37
N ALA C 238 -32.49 -24.00 -5.37
CA ALA C 238 -33.33 -23.35 -6.35
C ALA C 238 -34.34 -24.30 -6.95
N SER C 239 -33.91 -25.51 -7.33
CA SER C 239 -34.84 -26.44 -7.96
C SER C 239 -35.75 -27.17 -6.98
N LEU C 240 -35.36 -27.23 -5.70
CA LEU C 240 -36.21 -27.91 -4.71
C LEU C 240 -37.41 -27.08 -4.37
N ILE C 241 -37.24 -25.77 -4.38
CA ILE C 241 -38.33 -24.89 -3.99
C ILE C 241 -39.24 -24.51 -5.17
N GLY C 242 -38.78 -24.76 -6.39
CA GLY C 242 -39.59 -24.47 -7.57
C GLY C 242 -38.91 -24.81 -8.90
N GLU C 243 -39.68 -24.80 -9.98
CA GLU C 243 -39.12 -25.09 -11.28
C GLU C 243 -38.06 -24.06 -11.66
N ILE C 244 -36.97 -24.51 -12.26
CA ILE C 244 -35.99 -23.57 -12.75
C ILE C 244 -35.17 -24.19 -13.87
N ASN C 245 -34.72 -23.31 -14.77
CA ASN C 245 -33.82 -23.66 -15.85
C ASN C 245 -32.39 -23.55 -15.31
N GLU C 246 -31.61 -24.61 -15.47
CA GLU C 246 -30.23 -24.64 -15.05
C GLU C 246 -29.36 -24.73 -16.31
N LEU C 247 -28.49 -23.75 -16.50
CA LEU C 247 -27.62 -23.68 -17.67
C LEU C 247 -26.18 -23.38 -17.23
N GLU C 248 -25.22 -23.95 -17.94
CA GLU C 248 -23.83 -23.73 -17.61
C GLU C 248 -23.17 -22.96 -18.74
N GLY C 249 -22.39 -21.93 -18.39
CA GLY C 249 -21.73 -21.12 -19.40
C GLY C 249 -20.37 -20.59 -18.96
N LYS C 250 -19.67 -19.94 -19.87
CA LYS C 250 -18.35 -19.40 -19.58
C LYS C 250 -18.42 -17.95 -19.13
N VAL C 251 -17.72 -17.64 -18.04
CA VAL C 251 -17.65 -16.28 -17.54
C VAL C 251 -16.71 -15.45 -18.44
N THR C 252 -17.21 -14.37 -19.04
CA THR C 252 -16.38 -13.58 -19.95
C THR C 252 -16.68 -12.08 -19.94
N ASN C 253 -15.89 -11.32 -19.19
CA ASN C 253 -16.02 -9.88 -19.13
C ASN C 253 -17.43 -9.32 -19.29
N GLU C 254 -17.99 -9.45 -20.49
CA GLU C 254 -19.31 -8.91 -20.76
C GLU C 254 -20.50 -9.81 -20.41
N GLY C 255 -20.31 -10.74 -19.48
CA GLY C 255 -21.38 -11.64 -19.06
C GLY C 255 -21.07 -13.12 -19.23
N VAL C 256 -22.05 -13.95 -18.90
CA VAL C 256 -21.90 -15.40 -19.03
C VAL C 256 -22.47 -15.85 -20.38
N VAL C 257 -21.66 -16.60 -21.13
CA VAL C 257 -22.00 -16.97 -22.49
C VAL C 257 -22.41 -18.43 -22.67
N ILE C 258 -23.56 -18.63 -23.28
CA ILE C 258 -24.08 -19.95 -23.59
C ILE C 258 -24.54 -19.90 -25.03
N GLY C 259 -23.68 -20.34 -25.94
CA GLY C 259 -23.97 -20.24 -27.35
C GLY C 259 -24.28 -18.80 -27.71
N SER C 260 -25.42 -18.59 -28.35
CA SER C 260 -25.82 -17.27 -28.81
C SER C 260 -26.41 -16.41 -27.70
N LEU C 261 -26.53 -16.96 -26.49
CA LEU C 261 -27.07 -16.21 -25.37
C LEU C 261 -25.96 -15.66 -24.49
N ARG C 262 -26.14 -14.44 -23.99
CA ARG C 262 -25.18 -13.80 -23.11
C ARG C 262 -25.91 -13.16 -21.93
N PHE C 263 -25.65 -13.70 -20.73
CA PHE C 263 -26.32 -13.25 -19.51
C PHE C 263 -25.48 -12.23 -18.76
N PRO C 264 -26.07 -11.07 -18.51
CA PRO C 264 -25.36 -9.93 -17.92
C PRO C 264 -24.97 -10.09 -16.45
N VAL C 265 -24.35 -11.21 -16.10
CA VAL C 265 -23.92 -11.44 -14.73
C VAL C 265 -22.54 -12.07 -14.75
N SER C 266 -21.99 -12.34 -13.58
CA SER C 266 -20.64 -12.86 -13.49
C SER C 266 -20.34 -13.49 -12.15
N VAL C 267 -19.45 -14.48 -12.15
CA VAL C 267 -19.01 -15.14 -10.93
C VAL C 267 -17.49 -15.36 -11.00
N SER C 268 -16.85 -15.41 -9.83
CA SER C 268 -15.39 -15.51 -9.74
C SER C 268 -14.76 -16.84 -10.14
N SER C 269 -15.40 -17.55 -11.06
CA SER C 269 -14.85 -18.81 -11.56
C SER C 269 -14.86 -18.76 -13.09
N ASP C 270 -14.11 -19.65 -13.73
CA ASP C 270 -14.07 -19.67 -15.18
C ASP C 270 -15.39 -20.13 -15.77
N ARG C 271 -16.14 -20.90 -14.99
CA ARG C 271 -17.43 -21.44 -15.42
C ARG C 271 -18.52 -21.10 -14.41
N ALA C 272 -19.73 -20.84 -14.89
CA ALA C 272 -20.86 -20.51 -14.00
C ALA C 272 -22.14 -21.26 -14.34
N ILE C 273 -22.99 -21.43 -13.34
CA ILE C 273 -24.27 -22.04 -13.54
C ILE C 273 -25.32 -20.95 -13.46
N ILE C 274 -26.15 -20.85 -14.50
CA ILE C 274 -27.21 -19.86 -14.54
C ILE C 274 -28.53 -20.51 -14.19
N GLY C 275 -29.30 -19.86 -13.33
CA GLY C 275 -30.61 -20.36 -12.99
C GLY C 275 -31.62 -19.31 -13.39
N ILE C 276 -32.62 -19.73 -14.15
CA ILE C 276 -33.69 -18.82 -14.59
C ILE C 276 -35.03 -19.55 -14.56
N ARG C 277 -35.93 -19.06 -13.73
CA ARG C 277 -37.25 -19.67 -13.61
C ARG C 277 -38.06 -19.38 -14.89
N PRO C 278 -38.94 -20.30 -15.26
CA PRO C 278 -39.77 -20.16 -16.48
C PRO C 278 -40.57 -18.85 -16.56
N GLU C 279 -41.04 -18.36 -15.43
CA GLU C 279 -41.79 -17.11 -15.42
C GLU C 279 -40.89 -15.89 -15.70
N ASP C 280 -39.58 -16.08 -15.60
CA ASP C 280 -38.64 -14.98 -15.82
C ASP C 280 -38.02 -15.02 -17.20
N VAL C 281 -38.70 -15.73 -18.10
CA VAL C 281 -38.30 -15.85 -19.49
C VAL C 281 -39.46 -15.49 -20.40
N LYS C 282 -39.16 -14.75 -21.46
CA LYS C 282 -40.20 -14.41 -22.42
C LYS C 282 -39.62 -14.51 -23.81
N LEU C 283 -40.37 -15.10 -24.74
CA LEU C 283 -39.88 -15.26 -26.09
C LEU C 283 -40.65 -14.31 -26.99
N SER C 284 -40.03 -13.87 -28.07
CA SER C 284 -40.69 -12.92 -28.93
C SER C 284 -40.09 -12.97 -30.32
N LYS C 285 -40.87 -12.58 -31.31
CA LYS C 285 -40.39 -12.55 -32.69
C LYS C 285 -39.87 -11.17 -33.02
N ASP C 286 -40.17 -10.21 -32.14
CA ASP C 286 -39.73 -8.84 -32.34
C ASP C 286 -39.11 -8.31 -31.05
N VAL C 287 -38.36 -7.23 -31.15
CA VAL C 287 -37.73 -6.68 -29.97
C VAL C 287 -38.80 -6.18 -29.02
N ILE C 288 -38.53 -6.31 -27.73
CA ILE C 288 -39.46 -5.84 -26.73
C ILE C 288 -38.96 -4.52 -26.17
N LYS C 289 -39.74 -3.47 -26.36
CA LYS C 289 -39.39 -2.16 -25.83
C LYS C 289 -39.92 -2.09 -24.39
N ASP C 290 -39.22 -2.76 -23.49
CA ASP C 290 -39.63 -2.82 -22.08
C ASP C 290 -38.38 -2.99 -21.22
N ASP C 291 -38.01 -1.93 -20.52
CA ASP C 291 -36.83 -1.93 -19.68
C ASP C 291 -36.83 -3.00 -18.61
N SER C 292 -38.01 -3.55 -18.34
CA SER C 292 -38.17 -4.61 -17.34
C SER C 292 -37.68 -5.95 -17.89
N TRP C 293 -37.66 -6.08 -19.21
CA TRP C 293 -37.16 -7.28 -19.84
C TRP C 293 -35.84 -6.98 -20.54
N ILE C 294 -34.87 -7.87 -20.40
CA ILE C 294 -33.59 -7.67 -21.06
C ILE C 294 -33.30 -8.79 -22.05
N LEU C 295 -32.87 -8.39 -23.22
CA LEU C 295 -32.55 -9.32 -24.31
C LEU C 295 -31.22 -10.02 -24.05
N VAL C 296 -31.23 -11.35 -24.09
CA VAL C 296 -30.00 -12.10 -23.89
C VAL C 296 -29.49 -12.76 -25.18
N GLY C 297 -30.29 -12.71 -26.24
CA GLY C 297 -29.87 -13.28 -27.50
C GLY C 297 -30.95 -14.03 -28.24
N LYS C 298 -30.56 -14.64 -29.37
CA LYS C 298 -31.50 -15.39 -30.17
C LYS C 298 -31.47 -16.85 -29.79
N GLY C 299 -32.61 -17.51 -29.97
CA GLY C 299 -32.71 -18.93 -29.68
C GLY C 299 -33.60 -19.59 -30.72
N LYS C 300 -33.70 -20.91 -30.62
CA LYS C 300 -34.50 -21.70 -31.57
C LYS C 300 -35.38 -22.67 -30.80
N VAL C 301 -36.66 -22.74 -31.16
CA VAL C 301 -37.58 -23.66 -30.49
C VAL C 301 -37.15 -25.10 -30.79
N LYS C 302 -37.06 -25.90 -29.74
CA LYS C 302 -36.66 -27.29 -29.90
C LYS C 302 -37.89 -28.19 -29.91
N VAL C 303 -38.79 -27.99 -28.96
CA VAL C 303 -39.98 -28.82 -28.87
C VAL C 303 -41.03 -28.11 -28.02
N ILE C 304 -42.27 -28.48 -28.25
CA ILE C 304 -43.39 -27.86 -27.56
C ILE C 304 -44.27 -28.92 -26.91
N GLY C 305 -44.71 -28.63 -25.69
CA GLY C 305 -45.58 -29.51 -24.93
C GLY C 305 -46.84 -28.74 -24.54
N TYR C 306 -47.82 -29.46 -23.99
CA TYR C 306 -49.08 -28.83 -23.61
C TYR C 306 -49.59 -29.44 -22.31
N GLN C 307 -49.75 -28.60 -21.31
CA GLN C 307 -50.17 -29.06 -19.99
C GLN C 307 -50.69 -27.89 -19.16
N GLY C 308 -51.66 -28.14 -18.29
CA GLY C 308 -52.25 -27.11 -17.46
C GLY C 308 -52.82 -25.94 -18.27
N GLY C 309 -53.34 -26.25 -19.46
CA GLY C 309 -53.90 -25.22 -20.32
C GLY C 309 -52.86 -24.37 -21.03
N LEU C 310 -51.59 -24.53 -20.65
CA LEU C 310 -50.53 -23.73 -21.24
C LEU C 310 -49.58 -24.55 -22.10
N PHE C 311 -48.93 -23.88 -23.04
CA PHE C 311 -47.90 -24.52 -23.84
C PHE C 311 -46.58 -24.38 -23.12
N ARG C 312 -45.84 -25.47 -23.08
CA ARG C 312 -44.51 -25.47 -22.51
C ARG C 312 -43.58 -25.41 -23.70
N ILE C 313 -42.91 -24.28 -23.85
CA ILE C 313 -42.01 -24.09 -24.95
C ILE C 313 -40.58 -24.25 -24.50
N THR C 314 -39.89 -25.16 -25.16
CA THR C 314 -38.50 -25.41 -24.89
C THR C 314 -37.64 -24.93 -26.05
N ILE C 315 -36.67 -24.07 -25.77
CA ILE C 315 -35.73 -23.58 -26.77
C ILE C 315 -34.28 -23.94 -26.40
N THR C 316 -33.39 -23.81 -27.37
CA THR C 316 -31.96 -23.87 -27.09
C THR C 316 -31.35 -22.65 -27.73
N PRO C 317 -30.23 -22.19 -27.19
CA PRO C 317 -29.50 -21.10 -27.84
C PRO C 317 -29.00 -21.63 -29.17
N LEU C 318 -28.61 -20.75 -30.08
CA LEU C 318 -27.95 -21.23 -31.27
C LEU C 318 -26.59 -21.68 -30.79
N ASP C 319 -26.05 -22.74 -31.42
CA ASP C 319 -24.73 -23.27 -31.08
C ASP C 319 -24.64 -23.83 -29.66
N SER C 320 -25.74 -24.38 -29.15
CA SER C 320 -25.75 -24.97 -27.82
C SER C 320 -26.80 -26.07 -27.75
N GLU C 321 -26.64 -26.98 -26.79
CA GLU C 321 -27.63 -28.04 -26.58
C GLU C 321 -28.38 -27.75 -25.30
N GLU C 322 -27.98 -26.69 -24.61
CA GLU C 322 -28.61 -26.31 -23.35
C GLU C 322 -30.07 -25.96 -23.60
N GLU C 323 -30.94 -26.33 -22.67
CA GLU C 323 -32.36 -26.08 -22.83
C GLU C 323 -32.90 -25.00 -21.91
N ILE C 324 -33.93 -24.31 -22.38
CA ILE C 324 -34.63 -23.35 -21.56
C ILE C 324 -36.08 -23.50 -21.90
N PHE C 325 -36.92 -23.65 -20.89
CA PHE C 325 -38.34 -23.74 -21.17
C PHE C 325 -39.09 -22.63 -20.45
N THR C 326 -40.27 -22.32 -20.98
CA THR C 326 -41.14 -21.31 -20.38
C THR C 326 -42.56 -21.68 -20.78
N TYR C 327 -43.54 -21.01 -20.20
CA TYR C 327 -44.93 -21.32 -20.49
C TYR C 327 -45.60 -20.15 -21.16
N SER C 328 -46.45 -20.44 -22.14
CA SER C 328 -47.16 -19.42 -22.90
C SER C 328 -48.59 -19.84 -23.27
N ASP C 329 -49.46 -18.85 -23.44
CA ASP C 329 -50.84 -19.09 -23.87
C ASP C 329 -50.91 -19.45 -25.35
N HIS C 330 -49.88 -19.08 -26.11
CA HIS C 330 -49.85 -19.38 -27.54
C HIS C 330 -48.59 -20.17 -27.87
N PRO C 331 -48.67 -21.03 -28.86
CA PRO C 331 -47.53 -21.85 -29.26
C PRO C 331 -46.58 -21.16 -30.22
N ILE C 332 -45.33 -21.58 -30.17
CA ILE C 332 -44.34 -21.21 -31.16
C ILE C 332 -43.80 -22.56 -31.56
N HIS C 333 -43.67 -22.82 -32.85
CA HIS C 333 -43.34 -24.17 -33.30
C HIS C 333 -41.86 -24.49 -33.45
N SER C 334 -41.56 -25.79 -33.34
CA SER C 334 -40.22 -26.30 -33.49
C SER C 334 -39.53 -25.69 -34.69
N GLY C 335 -38.30 -25.23 -34.51
CA GLY C 335 -37.53 -24.68 -35.59
C GLY C 335 -37.59 -23.16 -35.72
N GLU C 336 -38.60 -22.53 -35.12
CA GLU C 336 -38.72 -21.09 -35.23
C GLU C 336 -37.63 -20.44 -34.41
N GLU C 337 -37.05 -19.37 -34.93
CA GLU C 337 -36.07 -18.60 -34.17
C GLU C 337 -36.82 -17.55 -33.40
N VAL C 338 -36.34 -17.25 -32.19
CA VAL C 338 -37.01 -16.27 -31.37
C VAL C 338 -35.99 -15.45 -30.60
N LEU C 339 -36.39 -14.29 -30.11
CA LEU C 339 -35.52 -13.53 -29.23
C LEU C 339 -35.83 -14.01 -27.81
N VAL C 340 -34.81 -14.14 -26.99
CA VAL C 340 -34.98 -14.58 -25.61
C VAL C 340 -34.77 -13.40 -24.67
N TYR C 341 -35.82 -13.06 -23.92
CA TYR C 341 -35.73 -12.01 -22.91
C TYR C 341 -35.81 -12.64 -21.54
N VAL C 342 -35.11 -12.08 -20.56
CA VAL C 342 -35.23 -12.54 -19.19
C VAL C 342 -35.43 -11.36 -18.24
N ARG C 343 -35.95 -11.61 -17.04
CA ARG C 343 -36.03 -10.58 -16.01
C ARG C 343 -34.63 -10.40 -15.41
N LYS C 344 -34.03 -9.24 -15.60
CA LYS C 344 -32.64 -9.01 -15.20
C LYS C 344 -32.33 -9.33 -13.75
N ASP C 345 -33.15 -8.79 -12.86
CA ASP C 345 -32.93 -8.97 -11.43
C ASP C 345 -33.24 -10.40 -10.99
N LYS C 346 -33.76 -11.23 -11.90
CA LYS C 346 -34.15 -12.60 -11.53
C LYS C 346 -33.17 -13.66 -12.00
N ILE C 347 -32.05 -13.25 -12.59
CA ILE C 347 -31.06 -14.22 -13.01
C ILE C 347 -30.28 -14.70 -11.78
N LYS C 348 -30.24 -16.00 -11.56
CA LYS C 348 -29.48 -16.53 -10.46
C LYS C 348 -28.16 -17.07 -11.02
N VAL C 349 -27.08 -16.82 -10.32
CA VAL C 349 -25.79 -17.27 -10.83
C VAL C 349 -24.94 -17.87 -9.72
N PHE C 350 -24.31 -18.98 -10.04
CA PHE C 350 -23.45 -19.68 -9.10
C PHE C 350 -22.17 -20.09 -9.79
N GLU C 351 -21.12 -20.31 -9.01
CA GLU C 351 -19.87 -20.79 -9.55
C GLU C 351 -19.98 -22.27 -9.85
N LYS C 352 -19.32 -22.72 -10.90
CA LYS C 352 -19.30 -24.14 -11.25
C LYS C 352 -17.96 -24.73 -10.85
N ASN C 353 -17.51 -25.73 -11.59
CA ASN C 353 -16.22 -26.38 -11.33
C ASN C 353 -16.32 -27.90 -11.47
MG MG D . 2.17 -10.80 4.19
I IOD E . 20.92 -20.54 -0.76
I IOD F . 9.33 8.79 10.44
I IOD G . -11.36 -4.98 7.13
I IOD H . 16.66 -18.86 1.78
I IOD I . -1.64 0.20 24.30
I IOD J . -6.90 -12.37 12.32
I IOD K . 14.48 0.98 -3.50
I IOD L . -2.98 -1.83 -32.60
I IOD M . -3.96 9.68 -17.72
I IOD N . -20.66 -16.27 23.46
I IOD O . -27.85 -13.20 19.11
I IOD P . -16.00 -16.04 6.60
I IOD Q . -15.98 -23.57 14.15
I IOD R . -15.81 -7.76 28.77
I IOD S . -22.43 -4.81 3.74
PG ANP T . 3.33 -10.95 1.19
O1G ANP T . 3.14 -9.60 0.56
O2G ANP T . 3.31 -12.07 0.19
O3G ANP T . 2.25 -11.18 2.16
PB ANP T . 5.25 -10.09 3.23
O1B ANP T . 5.63 -8.73 2.80
O2B ANP T . 4.13 -10.04 4.20
N3B ANP T . 4.83 -11.00 1.90
PA ANP T . 6.70 -11.59 5.11
O1A ANP T . 6.88 -10.61 6.22
O2A ANP T . 5.64 -12.55 5.43
O3A ANP T . 6.53 -10.79 3.78
O5' ANP T . 7.99 -12.38 5.03
C5' ANP T . 9.19 -11.65 4.93
C4' ANP T . 10.40 -12.57 4.70
O4' ANP T . 10.62 -13.34 5.86
C3' ANP T . 10.21 -13.62 3.61
O3' ANP T . 11.49 -13.95 3.06
C2' ANP T . 9.64 -14.82 4.34
O2' ANP T . 9.94 -16.06 3.72
C1' ANP T . 10.37 -14.73 5.66
N9 ANP T . 9.61 -15.25 6.80
C8 ANP T . 8.50 -14.71 7.35
N7 ANP T . 8.10 -15.47 8.41
C5 ANP T . 8.97 -16.49 8.54
C6 ANP T . 9.14 -17.65 9.43
N6 ANP T . 8.25 -17.88 10.47
N1 ANP T . 10.17 -18.46 9.20
C2 ANP T . 11.05 -18.26 8.21
N3 ANP T . 10.95 -17.23 7.35
C4 ANP T . 9.96 -16.34 7.47
MG MG U . 43.31 16.21 1.61
I IOD V . 25.13 28.65 15.50
I IOD W . 34.66 39.75 -26.41
I IOD X . 39.20 38.14 -28.78
I IOD Y . 33.82 15.32 10.34
I IOD Z . 56.86 7.95 10.82
I IOD AA . 42.98 25.52 23.81
I IOD BA . 56.09 27.30 -6.26
I IOD CA . 30.06 23.46 5.19
I IOD DA . 29.28 22.47 25.60
I IOD EA . 36.33 16.77 19.21
I IOD FA . 52.63 46.31 -20.30
I IOD GA . 40.51 27.08 22.06
PG ANP HA . 44.40 16.08 -1.40
O1G ANP HA . 44.25 17.44 -2.04
O2G ANP HA . 44.34 15.02 -2.46
O3G ANP HA . 43.27 15.85 -0.45
PB ANP HA . 46.41 16.72 0.65
O1B ANP HA . 46.86 18.09 0.28
O2B ANP HA . 45.27 16.81 1.64
N3B ANP HA . 45.92 15.94 -0.73
PA ANP HA . 47.82 15.18 2.47
O1A ANP HA . 48.00 16.17 3.59
O2A ANP HA . 46.72 14.24 2.79
O3A ANP HA . 47.61 15.91 1.14
O5' ANP HA . 49.11 14.38 2.41
C5' ANP HA . 50.34 15.00 2.08
C4' ANP HA . 51.44 13.95 1.84
O4' ANP HA . 51.68 13.17 3.00
C3' ANP HA . 51.06 12.92 0.79
O3' ANP HA . 52.22 12.53 0.07
C2' ANP HA . 50.55 11.72 1.56
O2' ANP HA . 50.78 10.51 0.87
C1' ANP HA . 51.36 11.79 2.84
N9 ANP HA . 50.62 11.27 4.00
C8 ANP HA . 49.58 11.84 4.63
N7 ANP HA . 49.17 11.08 5.67
C5 ANP HA . 49.96 10.00 5.72
C6 ANP HA . 50.07 8.79 6.57
N6 ANP HA . 49.21 8.57 7.64
N1 ANP HA . 51.04 7.93 6.28
C2 ANP HA . 51.88 8.12 5.26
N3 ANP HA . 51.83 9.18 4.44
C4 ANP HA . 50.91 10.13 4.62
MG MG IA . -39.61 -39.51 6.28
I IOD JA . -43.35 -28.40 26.42
I IOD KA . -53.02 -33.43 9.14
I IOD LA . -48.67 -40.87 14.40
I IOD MA . -57.84 -51.70 16.65
I IOD NA . -27.11 -27.54 -1.40
I IOD OA . -23.79 -28.23 21.93
I IOD PA . -57.69 -44.48 8.70
I IOD QA . -20.18 -48.82 1.36
I IOD RA . -41.95 -41.88 13.49
I IOD SA . -30.37 -8.23 -15.24
I IOD TA . -22.02 -51.00 9.18
PG ANP UA . -38.42 -39.59 3.28
O1G ANP UA . -38.70 -38.26 2.66
O2G ANP UA . -38.37 -40.66 2.23
O3G ANP UA . -39.48 -39.89 4.28
PB ANP UA . -36.49 -38.71 5.34
O1B ANP UA . -36.13 -37.34 4.95
O2B ANP UA . -37.65 -38.75 6.29
N3B ANP UA . -36.90 -39.58 3.96
PA ANP UA . -35.01 -40.19 7.22
O1A ANP UA . -34.84 -39.23 8.36
O2A ANP UA . -36.05 -41.22 7.52
O3A ANP UA . -35.24 -39.40 5.90
O5' ANP UA . -33.68 -40.96 7.10
C5' ANP UA . -32.48 -40.23 6.87
C4' ANP UA . -31.27 -41.15 6.68
O4' ANP UA . -31.01 -41.90 7.84
C3' ANP UA . -31.51 -42.21 5.61
O3' ANP UA . -30.26 -42.46 4.99
C2' ANP UA . -31.99 -43.42 6.40
O2' ANP UA . -31.73 -44.66 5.79
C1' ANP UA . -31.20 -43.28 7.69
N9 ANP UA . -31.91 -43.80 8.86
C8 ANP UA . -32.98 -43.24 9.48
N7 ANP UA . -33.34 -43.98 10.56
C5 ANP UA . -32.51 -45.02 10.63
C6 ANP UA . -32.33 -46.18 11.52
N6 ANP UA . -33.19 -46.38 12.59
N1 ANP UA . -31.33 -47.03 11.25
C2 ANP UA . -30.49 -46.85 10.20
N3 ANP UA . -30.59 -45.81 9.36
C4 ANP UA . -31.55 -44.90 9.52
#